data_5XPA
#
_entry.id   5XPA
#
_cell.length_a   109.134
_cell.length_b   109.134
_cell.length_c   184.685
_cell.angle_alpha   90.00
_cell.angle_beta   90.00
_cell.angle_gamma   90.00
#
_symmetry.space_group_name_H-M   'P 43 21 2'
#
loop_
_entity.id
_entity.type
_entity.pdbx_description
1 polymer 'Uncharacterized protein Ago'
2 polymer "DNA (5'-D(P*TP*GP*AP*GP*GP*TP*AP*GP*TP*AP*GP*GP*TP*TP*GP*TP*AP*TP*AP*GP*T)-3')"
3 polymer "RNA (5'-R(P*AP*UP*AP*CP*AP*AP*CP*CP*GP*UP*UP*CP*UP*AP*CP*UP*CP*CP*G)-3')"
4 non-polymer 'MAGNESIUM ION'
#
loop_
_entity_poly.entity_id
_entity_poly.type
_entity_poly.pdbx_seq_one_letter_code
_entity_poly.pdbx_strand_id
1 'polypeptide(L)'
;MNHLGKTEVFLNRFALRPLNPEELRPWRLEVVLDPPPGREEVYPLLAQVARRAGGVTVRMGDGLASWSPPEVLVLEGTLA
RMGQTYAYRLYPKGRRPLDPKDPGERSVLSALARRLLQERLRRLEGVWVEGLAVYRREHARGPGWRVLGGAVLDLWVSDS
GAFLLEVDPAYRILCEMSLEAWLAQGHPLPKRVRNAYDRRTWELLRLGEEDPKELPLPGGLSLLDYHASKGRLQGREGGR
VAWVADPKDPRKPIPHLTGLLVPVLTLEDLHEEEGSLALSLPWEERRRRTREIASWIGRRLGLGTPEAVRAQAYRLSIPK
LMGRRAVSKPADALRVGFYRAQETALALLRLDGAQGWPEFLRRALLRAFGASGASLRLHTLHAHPSQGLAFREALRKAKE
EGVQAVLVLTPPMAWEDRNRLKALLLREGLPSQILNVPLREEERHRWENALLGLLAKAGLQVVALSGAYPAELAVGFDAG
GRESFRFGGAACAVGGDGGHLLWTLPEAQAGERIPQEVVWDLLEETLWAFRRKAGRLPSRVLLLRNGRVPQDEFALALEA
LAREGIAYDLVSVRKSGGGRVYPVQGRLADGLYVPLEDKTFLLLTVHRDFRGTPRPLKLVHEAGDTPLEALAHQIFHLTR
LYPASGFAFPRLPAPLHLADRLVKEVGRLGIRHLKEVDREKLFFV
;
A
2 'polydeoxyribonucleotide'
;(DT)(DG)(DA)(DG)(DG)(DT)(DA)(DG)(DT)(DA)(DG)(DG)(DT)(DT)(DG)(DT)(DA)(DT)(DA)(DG)
(DT)
;
C
3 'polyribonucleotide' UAUACAACCGUUCUACCUCG D
#
# COMPACT_ATOMS: atom_id res chain seq x y z
N HIS A 3 21.75 4.01 23.49
CA HIS A 3 20.59 3.15 23.62
C HIS A 3 20.33 2.36 22.34
N LEU A 4 20.99 1.22 22.20
CA LEU A 4 20.82 0.36 21.03
C LEU A 4 21.13 -1.10 21.33
N GLY A 5 22.01 -1.67 20.50
CA GLY A 5 22.37 -3.07 20.54
C GLY A 5 23.15 -3.36 19.28
N LYS A 6 23.20 -4.62 18.85
CA LYS A 6 23.90 -4.99 17.61
C LYS A 6 23.65 -6.46 17.27
N THR A 7 23.54 -6.76 15.98
CA THR A 7 23.27 -8.09 15.49
C THR A 7 23.49 -8.14 13.99
N GLU A 8 23.33 -9.31 13.39
CA GLU A 8 23.52 -9.43 11.96
C GLU A 8 22.36 -10.18 11.33
N VAL A 9 22.02 -9.79 10.10
CA VAL A 9 20.88 -10.39 9.42
C VAL A 9 21.21 -10.69 7.96
N PHE A 10 20.46 -11.61 7.37
CA PHE A 10 20.45 -11.81 5.93
C PHE A 10 19.31 -11.03 5.29
N LEU A 11 19.60 -10.33 4.19
CA LEU A 11 18.55 -9.85 3.31
C LEU A 11 18.13 -10.98 2.40
N ASN A 12 16.93 -10.90 1.83
CA ASN A 12 16.50 -11.88 0.84
C ASN A 12 17.14 -11.57 -0.51
N ARG A 13 18.33 -10.98 -0.48
CA ARG A 13 19.16 -10.79 -1.67
C ARG A 13 20.27 -11.82 -1.67
N PHE A 14 20.80 -12.10 -2.86
CA PHE A 14 21.87 -13.06 -3.01
C PHE A 14 22.91 -12.56 -3.99
N ALA A 15 24.19 -12.74 -3.64
CA ALA A 15 25.29 -12.45 -4.53
C ALA A 15 25.51 -13.63 -5.46
N LEU A 16 25.55 -13.35 -6.76
CA LEU A 16 25.80 -14.40 -7.76
C LEU A 16 27.08 -14.12 -8.53
N ARG A 17 27.28 -14.83 -9.63
CA ARG A 17 28.53 -14.79 -10.37
C ARG A 17 28.83 -13.41 -10.94
N PRO A 18 30.12 -13.05 -11.00
CA PRO A 18 30.64 -11.88 -11.70
C PRO A 18 30.17 -11.83 -13.15
N LEU A 19 29.99 -10.64 -13.72
CA LEU A 19 29.66 -10.53 -15.13
C LEU A 19 30.87 -10.88 -16.00
N ASN A 20 30.72 -11.85 -16.89
CA ASN A 20 31.81 -12.20 -17.79
C ASN A 20 32.11 -11.05 -18.79
N PRO A 21 33.30 -11.06 -19.41
CA PRO A 21 33.80 -10.03 -20.32
C PRO A 21 32.81 -9.57 -21.39
N GLU A 22 32.00 -10.49 -21.90
CA GLU A 22 31.03 -10.17 -22.94
C GLU A 22 29.88 -9.33 -22.39
N GLU A 23 29.45 -9.66 -21.18
CA GLU A 23 28.36 -8.96 -20.53
C GLU A 23 28.77 -7.55 -20.11
N LEU A 24 30.07 -7.38 -19.85
CA LEU A 24 30.62 -6.07 -19.51
C LEU A 24 30.85 -5.24 -20.77
N ARG A 25 30.73 -5.88 -21.92
CA ARG A 25 30.92 -5.19 -23.19
C ARG A 25 29.75 -5.45 -24.16
N PRO A 26 28.55 -4.99 -23.81
CA PRO A 26 27.34 -5.24 -24.62
C PRO A 26 27.49 -4.78 -26.06
N TRP A 27 26.80 -5.44 -26.99
CA TRP A 27 26.75 -4.95 -28.36
C TRP A 27 25.98 -3.64 -28.37
N ARG A 28 26.44 -2.66 -29.15
CA ARG A 28 25.68 -1.42 -29.29
C ARG A 28 25.02 -1.41 -30.66
N LEU A 29 23.79 -0.92 -30.72
CA LEU A 29 23.04 -0.90 -31.96
C LEU A 29 22.41 0.46 -32.20
N GLU A 30 22.53 0.94 -33.42
CA GLU A 30 21.94 2.21 -33.82
C GLU A 30 20.61 1.92 -34.47
N VAL A 31 19.57 2.67 -34.12
CA VAL A 31 18.23 2.42 -34.63
C VAL A 31 17.87 3.34 -35.80
N VAL A 32 17.21 2.79 -36.83
CA VAL A 32 16.74 3.61 -37.93
C VAL A 32 15.26 3.32 -38.18
N LEU A 33 14.42 4.36 -38.10
CA LEU A 33 12.97 4.17 -38.21
C LEU A 33 12.40 4.88 -39.43
N ASP A 34 11.20 4.46 -39.84
CA ASP A 34 10.52 5.08 -40.97
C ASP A 34 9.01 5.04 -40.78
N PRO A 35 8.39 6.23 -40.62
CA PRO A 35 9.03 7.55 -40.61
C PRO A 35 9.63 7.88 -39.25
N PRO A 36 10.78 8.57 -39.21
CA PRO A 36 11.52 8.87 -37.97
C PRO A 36 10.68 9.53 -36.89
N PRO A 37 10.30 10.79 -37.12
CA PRO A 37 9.39 11.54 -36.24
C PRO A 37 9.89 11.67 -34.80
N GLY A 38 8.96 12.02 -33.91
CA GLY A 38 9.16 12.02 -32.46
C GLY A 38 10.09 13.10 -31.91
N ARG A 39 11.40 12.88 -31.97
CA ARG A 39 12.42 13.76 -31.38
C ARG A 39 12.35 13.84 -29.85
N GLU A 40 11.14 13.86 -29.30
CA GLU A 40 10.95 13.81 -27.86
C GLU A 40 10.14 12.57 -27.50
N GLU A 41 9.47 12.01 -28.50
CA GLU A 41 8.73 10.75 -28.33
C GLU A 41 9.58 9.59 -28.84
N VAL A 42 10.84 9.89 -29.15
CA VAL A 42 11.77 8.87 -29.65
C VAL A 42 12.48 8.21 -28.48
N TYR A 43 11.70 7.82 -27.47
CA TYR A 43 12.23 7.20 -26.27
C TYR A 43 11.39 6.00 -25.81
N PRO A 44 10.04 6.14 -25.79
CA PRO A 44 9.31 4.90 -25.52
C PRO A 44 9.42 3.96 -26.71
N LEU A 45 9.51 4.59 -27.88
CA LEU A 45 9.68 3.88 -29.15
C LEU A 45 10.96 3.05 -29.16
N LEU A 46 12.02 3.61 -28.59
CA LEU A 46 13.31 2.93 -28.49
C LEU A 46 13.20 1.68 -27.62
N ALA A 47 12.52 1.80 -26.48
CA ALA A 47 12.32 0.67 -25.59
C ALA A 47 11.46 -0.40 -26.24
N GLN A 48 10.46 0.05 -26.99
CA GLN A 48 9.57 -0.86 -27.70
C GLN A 48 10.32 -1.64 -28.80
N VAL A 49 11.22 -0.96 -29.49
CA VAL A 49 12.07 -1.64 -30.47
C VAL A 49 12.94 -2.65 -29.75
N ALA A 50 13.56 -2.21 -28.67
CA ALA A 50 14.38 -3.10 -27.84
C ALA A 50 13.59 -4.33 -27.38
N ARG A 51 12.26 -4.23 -27.35
CA ARG A 51 11.42 -5.39 -27.06
C ARG A 51 11.11 -6.23 -28.31
N ARG A 52 10.95 -5.57 -29.44
CA ARG A 52 10.59 -6.27 -30.68
C ARG A 52 11.76 -7.08 -31.23
N ALA A 53 12.98 -6.60 -31.01
CA ALA A 53 14.19 -7.30 -31.43
C ALA A 53 14.20 -8.75 -30.98
N GLY A 54 13.63 -8.99 -29.80
CA GLY A 54 13.44 -10.34 -29.31
C GLY A 54 14.68 -10.93 -28.68
N GLY A 55 15.43 -10.11 -27.95
CA GLY A 55 16.61 -10.61 -27.25
C GLY A 55 16.77 -10.01 -25.87
N VAL A 56 17.96 -10.17 -25.28
CA VAL A 56 18.28 -9.47 -24.06
C VAL A 56 18.85 -8.10 -24.45
N THR A 57 17.97 -7.23 -24.93
CA THR A 57 18.39 -5.90 -25.35
C THR A 57 17.55 -4.80 -24.66
N VAL A 58 18.22 -3.71 -24.30
CA VAL A 58 17.56 -2.58 -23.65
C VAL A 58 17.91 -1.27 -24.35
N ARG A 59 17.32 -0.20 -23.84
CA ARG A 59 17.57 1.15 -24.34
C ARG A 59 18.87 1.70 -23.75
N MET A 60 19.73 2.24 -24.60
CA MET A 60 20.95 2.89 -24.14
C MET A 60 21.21 4.15 -24.95
N GLY A 61 21.03 5.30 -24.32
CA GLY A 61 21.17 6.57 -24.99
C GLY A 61 20.19 6.68 -26.14
N ASP A 62 20.69 7.13 -27.29
CA ASP A 62 19.87 7.26 -28.49
C ASP A 62 19.79 5.94 -29.25
N GLY A 63 20.39 4.90 -28.67
CA GLY A 63 20.41 3.60 -29.32
C GLY A 63 20.09 2.45 -28.38
N LEU A 64 20.72 1.31 -28.63
CA LEU A 64 20.38 0.06 -27.97
C LEU A 64 21.60 -0.67 -27.44
N ALA A 65 21.48 -1.27 -26.25
CA ALA A 65 22.53 -2.14 -25.74
C ALA A 65 22.00 -3.58 -25.74
N SER A 66 22.87 -4.56 -26.00
CA SER A 66 22.40 -5.94 -26.05
C SER A 66 23.39 -7.00 -25.61
N TRP A 67 22.85 -7.99 -24.91
CA TRP A 67 23.66 -9.11 -24.46
C TRP A 67 23.51 -10.28 -25.44
N SER A 68 22.47 -10.18 -26.26
CA SER A 68 22.23 -11.12 -27.34
C SER A 68 22.99 -10.69 -28.57
N PRO A 69 23.71 -11.63 -29.20
CA PRO A 69 24.39 -11.34 -30.47
C PRO A 69 23.40 -10.78 -31.50
N PRO A 70 23.77 -9.68 -32.15
CA PRO A 70 22.80 -9.01 -33.03
C PRO A 70 22.23 -9.91 -34.12
N GLU A 71 22.93 -11.00 -34.45
CA GLU A 71 22.48 -11.90 -35.52
C GLU A 71 21.33 -12.81 -35.10
N VAL A 72 21.13 -12.97 -33.79
CA VAL A 72 19.96 -13.71 -33.30
C VAL A 72 18.88 -12.73 -32.81
N LEU A 73 18.88 -11.53 -33.38
CA LEU A 73 17.84 -10.54 -33.12
C LEU A 73 17.03 -10.29 -34.38
N VAL A 74 15.80 -9.83 -34.21
CA VAL A 74 15.01 -9.40 -35.35
C VAL A 74 15.43 -7.96 -35.68
N LEU A 75 16.50 -7.83 -36.47
CA LEU A 75 17.12 -6.54 -36.73
C LEU A 75 16.26 -5.64 -37.62
N GLU A 76 15.44 -6.25 -38.48
CA GLU A 76 14.55 -5.46 -39.33
C GLU A 76 13.12 -5.94 -39.19
N GLY A 77 12.21 -5.03 -38.86
CA GLY A 77 10.82 -5.39 -38.70
C GLY A 77 9.89 -4.19 -38.68
N THR A 78 8.70 -4.36 -38.12
CA THR A 78 7.74 -3.26 -38.03
C THR A 78 7.10 -3.16 -36.65
N LEU A 79 6.65 -1.95 -36.33
CA LEU A 79 5.96 -1.63 -35.09
C LEU A 79 4.60 -1.00 -35.35
N ALA A 80 3.69 -1.15 -34.40
CA ALA A 80 2.42 -0.43 -34.41
C ALA A 80 2.27 0.31 -33.09
N ARG A 81 2.65 1.59 -33.08
CA ARG A 81 2.61 2.40 -31.86
C ARG A 81 1.53 3.47 -31.93
N MET A 82 0.50 3.31 -31.08
CA MET A 82 -0.62 4.24 -31.03
C MET A 82 -1.23 4.46 -32.42
N GLY A 83 -1.45 3.38 -33.15
CA GLY A 83 -2.05 3.46 -34.47
C GLY A 83 -1.06 3.61 -35.61
N GLN A 84 0.03 4.35 -35.38
CA GLN A 84 1.04 4.56 -36.41
C GLN A 84 1.93 3.33 -36.59
N THR A 85 2.25 3.01 -37.84
CA THR A 85 3.11 1.87 -38.14
C THR A 85 4.50 2.31 -38.59
N TYR A 86 5.52 1.86 -37.85
CA TYR A 86 6.89 2.23 -38.18
C TYR A 86 7.66 1.04 -38.73
N ALA A 87 8.69 1.33 -39.52
CA ALA A 87 9.58 0.30 -40.03
C ALA A 87 10.96 0.50 -39.43
N TYR A 88 11.46 -0.50 -38.71
CA TYR A 88 12.73 -0.33 -38.02
C TYR A 88 13.82 -1.24 -38.56
N ARG A 89 15.05 -0.74 -38.51
CA ARG A 89 16.24 -1.54 -38.76
C ARG A 89 17.32 -1.22 -37.73
N LEU A 90 17.89 -2.28 -37.14
CA LEU A 90 18.96 -2.15 -36.18
C LEU A 90 20.32 -2.31 -36.88
N TYR A 91 21.29 -1.53 -36.42
CA TYR A 91 22.62 -1.56 -37.00
C TYR A 91 23.64 -1.86 -35.93
N PRO A 92 24.28 -3.04 -36.02
CA PRO A 92 25.36 -3.30 -35.07
C PRO A 92 26.51 -2.31 -35.30
N LYS A 93 26.94 -1.64 -34.24
CA LYS A 93 28.04 -0.68 -34.32
C LYS A 93 29.15 -1.07 -33.36
N GLY A 94 29.48 -2.36 -33.32
CA GLY A 94 30.48 -2.87 -32.40
C GLY A 94 29.97 -2.87 -30.96
N ARG A 95 30.87 -3.10 -30.03
CA ARG A 95 30.50 -3.16 -28.62
C ARG A 95 31.11 -1.98 -27.85
N ARG A 96 30.51 -1.62 -26.73
CA ARG A 96 31.11 -0.63 -25.85
C ARG A 96 31.07 -1.13 -24.41
N PRO A 97 32.22 -1.08 -23.73
CA PRO A 97 32.35 -1.54 -22.35
C PRO A 97 31.56 -0.65 -21.41
N LEU A 98 30.95 -1.27 -20.39
CA LEU A 98 30.17 -0.52 -19.42
C LEU A 98 30.79 -0.72 -18.03
N ASP A 99 30.98 0.38 -17.33
CA ASP A 99 31.58 0.35 -16.01
C ASP A 99 30.50 0.39 -14.94
N PRO A 100 30.41 -0.66 -14.12
CA PRO A 100 29.45 -0.76 -13.02
C PRO A 100 29.56 0.43 -12.06
N LYS A 101 30.75 0.98 -11.96
CA LYS A 101 31.00 2.09 -11.04
C LYS A 101 30.32 3.38 -11.49
N ASP A 102 29.99 3.46 -12.78
CA ASP A 102 29.14 4.53 -13.30
C ASP A 102 27.68 4.11 -13.14
N PRO A 103 26.94 4.81 -12.28
CA PRO A 103 25.53 4.53 -11.99
C PRO A 103 24.64 4.47 -13.23
N GLY A 104 24.95 5.26 -14.25
CA GLY A 104 24.18 5.24 -15.48
C GLY A 104 24.39 3.96 -16.25
N GLU A 105 25.65 3.65 -16.51
CA GLU A 105 26.05 2.41 -17.15
C GLU A 105 25.60 1.18 -16.36
N ARG A 106 25.71 1.26 -15.03
CA ARG A 106 25.31 0.15 -14.18
C ARG A 106 23.81 0.03 -14.23
N SER A 107 23.11 1.14 -14.45
CA SER A 107 21.67 1.09 -14.63
C SER A 107 21.35 0.31 -15.90
N VAL A 108 22.03 0.65 -16.99
CA VAL A 108 21.90 -0.10 -18.25
C VAL A 108 22.18 -1.60 -18.03
N LEU A 109 23.32 -1.89 -17.42
CA LEU A 109 23.69 -3.26 -17.07
C LEU A 109 22.59 -3.98 -16.29
N SER A 110 21.92 -3.27 -15.39
CA SER A 110 20.88 -3.89 -14.57
C SER A 110 19.60 -4.12 -15.37
N ALA A 111 19.32 -3.23 -16.31
CA ALA A 111 18.19 -3.44 -17.19
C ALA A 111 18.43 -4.70 -18.01
N LEU A 112 19.66 -4.83 -18.52
CA LEU A 112 20.07 -6.02 -19.25
C LEU A 112 19.96 -7.26 -18.36
N ALA A 113 20.33 -7.13 -17.09
CA ALA A 113 20.34 -8.28 -16.19
C ALA A 113 18.91 -8.73 -15.94
N ARG A 114 18.01 -7.78 -15.76
CA ARG A 114 16.61 -8.09 -15.57
C ARG A 114 16.05 -8.83 -16.78
N ARG A 115 16.28 -8.27 -17.96
CA ARG A 115 15.83 -8.90 -19.20
C ARG A 115 16.44 -10.29 -19.36
N LEU A 116 17.68 -10.44 -18.89
CA LEU A 116 18.40 -11.71 -18.94
C LEU A 116 17.61 -12.73 -18.13
N LEU A 117 17.26 -12.35 -16.91
CA LEU A 117 16.48 -13.22 -16.04
C LEU A 117 15.18 -13.63 -16.70
N GLN A 118 14.43 -12.65 -17.21
CA GLN A 118 13.10 -12.96 -17.75
C GLN A 118 13.16 -13.85 -19.00
N GLU A 119 14.07 -13.51 -19.91
CA GLU A 119 14.23 -14.26 -21.17
C GLU A 119 14.70 -15.66 -20.90
N ARG A 120 15.68 -15.83 -20.02
CA ARG A 120 16.16 -17.18 -19.73
C ARG A 120 15.12 -17.99 -18.98
N LEU A 121 14.33 -17.34 -18.12
CA LEU A 121 13.29 -18.08 -17.42
C LEU A 121 12.22 -18.57 -18.37
N ARG A 122 11.89 -17.77 -19.40
CA ARG A 122 10.92 -18.21 -20.40
C ARG A 122 11.30 -19.54 -21.05
N ARG A 123 12.59 -19.78 -21.21
CA ARG A 123 13.09 -20.96 -21.90
C ARG A 123 13.10 -22.21 -21.03
N LEU A 124 12.87 -22.05 -19.73
CA LEU A 124 12.88 -23.21 -18.86
C LEU A 124 11.63 -24.05 -19.08
N GLU A 125 11.81 -25.36 -19.27
CA GLU A 125 10.68 -26.27 -19.42
C GLU A 125 10.22 -26.73 -18.03
N GLY A 126 8.92 -26.96 -17.89
CA GLY A 126 8.37 -27.44 -16.64
C GLY A 126 8.31 -26.36 -15.59
N VAL A 127 8.21 -25.11 -16.04
CA VAL A 127 8.22 -23.95 -15.15
C VAL A 127 7.31 -22.87 -15.72
N TRP A 128 6.45 -22.28 -14.88
CA TRP A 128 5.54 -21.23 -15.32
C TRP A 128 6.03 -19.84 -14.93
N VAL A 129 6.21 -18.97 -15.92
CA VAL A 129 6.78 -17.64 -15.74
C VAL A 129 5.84 -16.52 -16.17
N GLU A 130 5.57 -15.55 -15.28
CA GLU A 130 4.76 -14.40 -15.62
C GLU A 130 5.50 -13.11 -15.35
N GLY A 131 6.61 -12.92 -16.06
CA GLY A 131 7.44 -11.74 -15.85
C GLY A 131 8.54 -12.08 -14.88
N LEU A 132 8.66 -11.29 -13.82
CA LEU A 132 9.65 -11.53 -12.79
C LEU A 132 9.12 -12.48 -11.72
N ALA A 133 8.14 -13.28 -12.10
CA ALA A 133 7.55 -14.27 -11.22
C ALA A 133 7.73 -15.66 -11.81
N VAL A 134 8.28 -16.58 -11.03
CA VAL A 134 8.42 -17.95 -11.49
C VAL A 134 7.70 -18.89 -10.53
N TYR A 135 7.02 -19.90 -11.08
CA TYR A 135 6.25 -20.82 -10.27
C TYR A 135 6.56 -22.25 -10.68
N ARG A 136 7.18 -22.99 -9.78
CA ARG A 136 7.59 -24.35 -10.07
C ARG A 136 6.56 -25.36 -9.57
N ARG A 137 6.66 -25.67 -8.29
CA ARG A 137 5.85 -26.68 -7.61
C ARG A 137 4.34 -26.40 -7.68
N GLU A 138 3.58 -27.36 -7.17
CA GLU A 138 2.15 -27.21 -7.04
C GLU A 138 1.78 -27.30 -5.56
N HIS A 139 1.41 -26.17 -4.98
CA HIS A 139 1.09 -26.10 -3.56
C HIS A 139 -0.23 -26.80 -3.23
N ALA A 140 -1.23 -26.60 -4.07
CA ALA A 140 -2.56 -27.15 -3.83
C ALA A 140 -3.39 -27.24 -5.11
N ARG A 141 -4.22 -28.27 -5.22
CA ARG A 141 -5.07 -28.47 -6.39
C ARG A 141 -6.38 -29.17 -6.03
N GLY A 142 -7.48 -28.72 -6.64
CA GLY A 142 -8.76 -29.34 -6.40
C GLY A 142 -9.82 -28.85 -7.36
N PRO A 143 -10.61 -29.77 -7.90
CA PRO A 143 -11.72 -29.45 -8.81
C PRO A 143 -11.53 -28.32 -9.82
N GLY A 144 -10.68 -28.52 -10.82
CA GLY A 144 -10.49 -27.52 -11.85
C GLY A 144 -9.57 -26.33 -11.61
N TRP A 145 -9.10 -26.18 -10.38
CA TRP A 145 -8.20 -25.09 -10.10
C TRP A 145 -7.07 -25.59 -9.26
N ARG A 146 -5.90 -24.99 -9.44
CA ARG A 146 -4.73 -25.34 -8.66
C ARG A 146 -4.01 -24.09 -8.21
N VAL A 147 -3.21 -24.22 -7.16
CA VAL A 147 -2.46 -23.11 -6.65
C VAL A 147 -1.01 -23.44 -6.73
N LEU A 148 -0.27 -22.68 -7.50
CA LEU A 148 1.14 -22.96 -7.65
C LEU A 148 1.99 -22.12 -6.75
N GLY A 149 3.10 -22.67 -6.31
CA GLY A 149 4.02 -21.99 -5.44
C GLY A 149 5.35 -21.70 -6.12
N GLY A 150 5.81 -20.46 -5.99
CA GLY A 150 7.09 -20.07 -6.54
C GLY A 150 7.64 -18.86 -5.82
N ALA A 151 8.10 -17.87 -6.58
CA ALA A 151 8.66 -16.65 -6.01
C ALA A 151 8.69 -15.51 -7.01
N VAL A 152 8.71 -14.29 -6.49
CA VAL A 152 8.94 -13.10 -7.31
C VAL A 152 10.43 -12.74 -7.20
N LEU A 153 11.03 -12.40 -8.34
CA LEU A 153 12.49 -12.23 -8.42
C LEU A 153 12.93 -10.87 -8.94
N ASP A 154 14.20 -10.53 -8.71
CA ASP A 154 14.84 -9.47 -9.47
C ASP A 154 16.32 -9.75 -9.65
N LEU A 155 16.89 -9.24 -10.73
CA LEU A 155 18.30 -9.43 -11.01
C LEU A 155 18.88 -8.11 -11.44
N TRP A 156 19.85 -7.59 -10.69
CA TRP A 156 20.56 -6.40 -11.16
C TRP A 156 22.07 -6.56 -11.04
N VAL A 157 22.81 -5.47 -11.23
CA VAL A 157 24.26 -5.54 -11.24
C VAL A 157 24.85 -4.66 -10.14
N SER A 158 25.67 -5.27 -9.28
CA SER A 158 26.35 -4.53 -8.22
C SER A 158 27.35 -3.52 -8.79
N ASP A 159 27.84 -2.64 -7.93
CA ASP A 159 28.86 -1.67 -8.30
C ASP A 159 30.21 -2.38 -8.52
N SER A 160 30.35 -3.56 -7.93
CA SER A 160 31.55 -4.38 -8.12
C SER A 160 31.40 -5.31 -9.33
N GLY A 161 30.30 -5.19 -10.06
CA GLY A 161 30.12 -5.93 -11.29
C GLY A 161 29.71 -7.39 -11.17
N ALA A 162 28.91 -7.70 -10.16
CA ALA A 162 28.37 -9.06 -10.02
C ALA A 162 26.84 -9.05 -10.05
N PHE A 163 26.24 -10.20 -10.34
CA PHE A 163 24.77 -10.29 -10.36
C PHE A 163 24.21 -10.28 -8.95
N LEU A 164 23.06 -9.63 -8.77
CA LEU A 164 22.37 -9.62 -7.49
C LEU A 164 20.93 -10.05 -7.67
N LEU A 165 20.56 -11.08 -6.94
CA LEU A 165 19.29 -11.77 -7.15
C LEU A 165 18.41 -11.65 -5.90
N GLU A 166 17.30 -10.93 -6.04
CA GLU A 166 16.30 -10.83 -4.97
C GLU A 166 15.24 -11.91 -5.20
N VAL A 167 14.81 -12.53 -4.12
CA VAL A 167 13.87 -13.65 -4.18
C VAL A 167 12.84 -13.55 -3.06
N ASP A 168 11.59 -13.79 -3.37
CA ASP A 168 10.60 -13.85 -2.33
C ASP A 168 9.46 -14.73 -2.77
N PRO A 169 9.18 -15.75 -1.99
CA PRO A 169 8.15 -16.72 -2.30
C PRO A 169 6.77 -16.13 -2.42
N ALA A 170 6.09 -16.43 -3.51
CA ALA A 170 4.69 -16.09 -3.66
C ALA A 170 3.86 -17.26 -4.11
N TYR A 171 2.58 -17.02 -4.27
CA TYR A 171 1.69 -18.04 -4.77
C TYR A 171 0.87 -17.53 -5.93
N ARG A 172 0.17 -18.43 -6.60
CA ARG A 172 -0.64 -18.07 -7.73
C ARG A 172 -1.89 -18.92 -7.86
N ILE A 173 -3.04 -18.28 -7.99
CA ILE A 173 -4.26 -19.03 -8.13
C ILE A 173 -4.60 -19.11 -9.59
N LEU A 174 -4.59 -20.32 -10.12
CA LEU A 174 -4.88 -20.49 -11.52
C LEU A 174 -6.13 -21.28 -11.66
N CYS A 175 -7.10 -20.74 -12.38
CA CYS A 175 -8.31 -21.49 -12.61
C CYS A 175 -8.09 -22.09 -13.96
N GLU A 176 -7.42 -23.22 -13.99
CA GLU A 176 -7.13 -23.86 -15.26
C GLU A 176 -8.29 -24.67 -15.81
N MET A 177 -9.27 -23.94 -16.33
CA MET A 177 -10.45 -24.53 -16.89
C MET A 177 -11.16 -23.53 -17.75
N SER A 178 -12.44 -23.81 -18.00
CA SER A 178 -13.27 -22.93 -18.77
C SER A 178 -14.54 -22.64 -17.99
N LEU A 179 -15.14 -21.53 -18.32
CA LEU A 179 -16.35 -21.12 -17.65
C LEU A 179 -17.38 -22.20 -17.83
N GLU A 180 -17.62 -22.55 -19.07
CA GLU A 180 -18.62 -23.56 -19.33
C GLU A 180 -18.51 -24.69 -18.35
N ALA A 181 -17.36 -25.35 -18.35
CA ALA A 181 -17.12 -26.45 -17.45
C ALA A 181 -17.33 -26.03 -16.01
N TRP A 182 -16.53 -25.07 -15.57
CA TRP A 182 -16.67 -24.62 -14.19
C TRP A 182 -18.11 -24.60 -13.72
N LEU A 183 -18.96 -24.04 -14.56
CA LEU A 183 -20.39 -24.04 -14.33
C LEU A 183 -20.88 -25.42 -13.99
N ALA A 184 -20.57 -26.38 -14.85
CA ALA A 184 -20.96 -27.75 -14.66
C ALA A 184 -20.57 -28.27 -13.29
N GLN A 185 -19.29 -28.28 -12.97
CA GLN A 185 -18.94 -28.84 -11.68
C GLN A 185 -20.01 -28.52 -10.65
N GLY A 186 -20.90 -27.59 -11.00
CA GLY A 186 -21.97 -27.16 -10.12
C GLY A 186 -21.56 -25.96 -9.30
N HIS A 187 -20.32 -25.51 -9.50
CA HIS A 187 -19.78 -24.36 -8.78
C HIS A 187 -20.60 -23.11 -9.10
N PRO A 188 -20.75 -22.23 -8.10
CA PRO A 188 -21.54 -21.00 -8.30
C PRO A 188 -20.83 -20.02 -9.24
N LEU A 189 -21.61 -19.30 -10.04
CA LEU A 189 -21.07 -18.27 -10.92
C LEU A 189 -20.24 -17.27 -10.12
N PRO A 190 -18.96 -17.09 -10.50
CA PRO A 190 -18.03 -16.25 -9.74
C PRO A 190 -18.34 -14.75 -9.85
N LYS A 191 -17.50 -13.93 -9.23
CA LYS A 191 -17.67 -12.48 -9.27
C LYS A 191 -17.40 -11.94 -10.67
N ARG A 192 -16.13 -11.86 -11.05
CA ARG A 192 -15.75 -11.39 -12.38
C ARG A 192 -15.26 -12.56 -13.24
N VAL A 193 -15.33 -12.38 -14.56
CA VAL A 193 -14.85 -13.37 -15.52
C VAL A 193 -13.82 -12.73 -16.46
N ARG A 194 -13.00 -13.54 -17.12
CA ARG A 194 -11.90 -13.04 -17.94
C ARG A 194 -11.92 -13.64 -19.35
N ASN A 195 -11.46 -12.89 -20.35
CA ASN A 195 -11.32 -13.45 -21.70
C ASN A 195 -10.27 -14.55 -21.73
N ALA A 196 -10.45 -15.52 -22.63
CA ALA A 196 -9.54 -16.65 -22.73
C ALA A 196 -8.39 -16.36 -23.68
N TYR A 197 -8.44 -15.19 -24.31
CA TYR A 197 -7.49 -14.84 -25.37
C TYR A 197 -6.80 -13.50 -25.10
N ASP A 198 -7.13 -12.87 -23.98
CA ASP A 198 -6.42 -11.68 -23.52
C ASP A 198 -6.66 -11.44 -22.02
N ARG A 199 -6.38 -10.23 -21.55
CA ARG A 199 -6.41 -9.95 -20.11
C ARG A 199 -7.63 -9.13 -19.67
N ARG A 200 -8.39 -8.59 -20.62
CA ARG A 200 -9.58 -7.81 -20.30
C ARG A 200 -10.56 -8.68 -19.50
N THR A 201 -11.11 -8.12 -18.43
CA THR A 201 -12.01 -8.86 -17.55
C THR A 201 -13.33 -8.13 -17.36
N TRP A 202 -14.43 -8.87 -17.48
CA TRP A 202 -15.76 -8.28 -17.38
C TRP A 202 -16.49 -8.78 -16.13
N GLU A 203 -17.22 -7.88 -15.48
CA GLU A 203 -18.05 -8.27 -14.35
C GLU A 203 -19.17 -9.18 -14.83
N LEU A 204 -19.13 -10.43 -14.37
CA LEU A 204 -20.14 -11.42 -14.76
C LEU A 204 -21.52 -11.00 -14.30
N LEU A 205 -22.41 -10.74 -15.26
CA LEU A 205 -23.76 -10.30 -14.93
C LEU A 205 -24.74 -11.47 -14.88
N ARG A 206 -24.94 -12.12 -16.02
CA ARG A 206 -25.89 -13.23 -16.09
C ARG A 206 -25.63 -14.09 -17.32
N LEU A 207 -26.08 -15.35 -17.27
CA LEU A 207 -26.05 -16.22 -18.42
C LEU A 207 -27.13 -15.78 -19.41
N GLY A 208 -26.96 -16.14 -20.68
CA GLY A 208 -27.88 -15.73 -21.72
C GLY A 208 -29.03 -16.70 -21.93
N GLU A 209 -29.95 -16.35 -22.81
CA GLU A 209 -31.12 -17.19 -23.09
C GLU A 209 -31.25 -17.45 -24.60
N GLU A 210 -30.46 -16.73 -25.39
CA GLU A 210 -30.55 -16.81 -26.86
C GLU A 210 -29.29 -17.41 -27.49
N ASP A 211 -29.36 -17.65 -28.79
CA ASP A 211 -28.30 -18.34 -29.51
C ASP A 211 -27.29 -17.38 -30.14
N PRO A 212 -25.98 -17.67 -29.97
CA PRO A 212 -24.86 -16.82 -30.43
C PRO A 212 -24.88 -16.52 -31.93
N LYS A 213 -25.51 -17.39 -32.71
CA LYS A 213 -25.60 -17.16 -34.16
C LYS A 213 -26.75 -16.22 -34.50
N GLU A 214 -27.39 -15.66 -33.48
CA GLU A 214 -28.52 -14.76 -33.68
C GLU A 214 -28.22 -13.31 -33.28
N LEU A 215 -27.58 -13.13 -32.11
CA LEU A 215 -27.30 -11.80 -31.57
C LEU A 215 -26.56 -10.90 -32.56
N PRO A 216 -27.26 -9.88 -33.08
CA PRO A 216 -26.70 -8.95 -34.08
C PRO A 216 -25.76 -7.91 -33.46
N LEU A 217 -24.50 -7.91 -33.89
CA LEU A 217 -23.50 -6.99 -33.34
C LEU A 217 -23.36 -5.73 -34.18
N PRO A 218 -22.93 -4.63 -33.54
CA PRO A 218 -22.64 -3.35 -34.20
C PRO A 218 -21.54 -3.51 -35.25
N GLY A 219 -21.92 -3.99 -36.43
CA GLY A 219 -20.99 -4.25 -37.51
C GLY A 219 -21.63 -5.15 -38.54
N GLY A 220 -22.75 -5.77 -38.16
CA GLY A 220 -23.48 -6.67 -39.03
C GLY A 220 -23.24 -8.14 -38.72
N LEU A 221 -22.22 -8.42 -37.92
CA LEU A 221 -21.88 -9.79 -37.54
C LEU A 221 -22.69 -10.27 -36.34
N SER A 222 -22.78 -11.59 -36.18
CA SER A 222 -23.37 -12.14 -34.96
C SER A 222 -22.25 -12.46 -33.97
N LEU A 223 -22.63 -12.80 -32.74
CA LEU A 223 -21.67 -13.16 -31.71
C LEU A 223 -20.68 -14.24 -32.17
N LEU A 224 -21.25 -15.39 -32.51
CA LEU A 224 -20.47 -16.59 -32.82
C LEU A 224 -19.48 -16.40 -33.95
N ASP A 225 -19.93 -15.84 -35.08
CA ASP A 225 -19.02 -15.67 -36.22
C ASP A 225 -18.14 -14.43 -36.07
N TYR A 226 -18.47 -13.57 -35.11
CA TYR A 226 -17.56 -12.49 -34.76
C TYR A 226 -16.35 -13.08 -34.06
N HIS A 227 -16.61 -13.98 -33.12
CA HIS A 227 -15.51 -14.65 -32.41
C HIS A 227 -14.82 -15.70 -33.29
N ALA A 228 -15.55 -16.20 -34.29
CA ALA A 228 -14.98 -17.17 -35.21
C ALA A 228 -14.02 -16.47 -36.19
N SER A 229 -14.42 -15.30 -36.67
CA SER A 229 -13.62 -14.54 -37.64
C SER A 229 -12.22 -14.21 -37.10
N LYS A 230 -12.16 -13.78 -35.85
CA LYS A 230 -10.88 -13.36 -35.26
C LYS A 230 -10.04 -14.55 -34.77
N GLY A 231 -10.41 -15.75 -35.20
CA GLY A 231 -9.69 -16.96 -34.83
C GLY A 231 -9.64 -17.17 -33.33
N ARG A 232 -10.76 -17.61 -32.77
CA ARG A 232 -10.88 -17.83 -31.33
C ARG A 232 -11.67 -19.10 -31.07
N LEU A 233 -12.54 -19.47 -32.01
CA LEU A 233 -13.28 -20.71 -31.90
C LEU A 233 -12.45 -21.86 -32.47
N GLN A 234 -11.24 -21.52 -32.90
CA GLN A 234 -10.29 -22.49 -33.43
C GLN A 234 -9.77 -23.41 -32.33
N GLY A 235 -10.42 -24.56 -32.17
CA GLY A 235 -9.99 -25.55 -31.21
C GLY A 235 -10.77 -25.55 -29.91
N ARG A 236 -11.83 -24.75 -29.85
CA ARG A 236 -12.66 -24.68 -28.65
C ARG A 236 -14.15 -24.54 -28.96
N GLU A 237 -14.98 -24.99 -28.03
CA GLU A 237 -16.43 -24.89 -28.16
C GLU A 237 -16.96 -23.65 -27.45
N GLY A 238 -17.49 -22.71 -28.24
CA GLY A 238 -18.00 -21.45 -27.73
C GLY A 238 -19.03 -21.57 -26.61
N GLY A 239 -19.78 -22.66 -26.60
CA GLY A 239 -20.76 -22.90 -25.56
C GLY A 239 -21.94 -21.92 -25.59
N ARG A 240 -22.48 -21.63 -24.42
CA ARG A 240 -23.61 -20.73 -24.30
C ARG A 240 -23.19 -19.26 -24.37
N VAL A 241 -24.17 -18.37 -24.40
CA VAL A 241 -23.92 -16.93 -24.39
C VAL A 241 -23.83 -16.44 -22.95
N ALA A 242 -22.95 -15.48 -22.70
CA ALA A 242 -22.87 -14.86 -21.37
C ALA A 242 -23.08 -13.36 -21.47
N TRP A 243 -23.40 -12.73 -20.35
CA TRP A 243 -23.52 -11.27 -20.35
C TRP A 243 -22.52 -10.62 -19.40
N VAL A 244 -21.36 -10.25 -19.92
CA VAL A 244 -20.34 -9.58 -19.11
C VAL A 244 -20.70 -8.10 -18.95
N ALA A 245 -20.09 -7.46 -17.97
CA ALA A 245 -20.30 -6.05 -17.68
C ALA A 245 -18.96 -5.37 -17.93
N ASP A 246 -19.00 -4.16 -18.50
CA ASP A 246 -17.79 -3.45 -18.87
C ASP A 246 -16.71 -3.23 -17.83
N PRO A 247 -15.50 -3.05 -18.34
CA PRO A 247 -14.26 -2.82 -17.57
C PRO A 247 -14.46 -1.87 -16.40
N LYS A 248 -15.02 -0.71 -16.70
CA LYS A 248 -15.34 0.28 -15.70
C LYS A 248 -16.67 -0.24 -15.18
N ASP A 249 -17.71 0.58 -15.28
CA ASP A 249 -18.98 0.10 -14.81
C ASP A 249 -20.10 0.64 -15.64
N PRO A 250 -21.14 -0.18 -15.79
CA PRO A 250 -22.31 0.15 -16.59
C PRO A 250 -23.45 -0.79 -16.29
N ARG A 251 -24.56 -0.54 -16.95
CA ARG A 251 -25.75 -1.36 -16.82
C ARG A 251 -25.96 -1.95 -18.19
N LYS A 252 -25.41 -1.27 -19.20
CA LYS A 252 -25.49 -1.76 -20.56
C LYS A 252 -24.50 -2.90 -20.67
N PRO A 253 -25.04 -4.11 -20.67
CA PRO A 253 -24.24 -5.33 -20.71
C PRO A 253 -23.72 -5.64 -22.10
N ILE A 254 -22.88 -6.66 -22.18
CA ILE A 254 -22.32 -7.08 -23.45
C ILE A 254 -22.45 -8.57 -23.62
N PRO A 255 -22.48 -8.99 -24.88
CA PRO A 255 -22.56 -10.40 -25.28
C PRO A 255 -21.19 -11.09 -25.32
N HIS A 256 -21.11 -12.32 -24.81
CA HIS A 256 -19.88 -13.11 -24.85
C HIS A 256 -20.21 -14.60 -24.90
N LEU A 257 -19.18 -15.44 -24.77
CA LEU A 257 -19.34 -16.88 -24.88
C LEU A 257 -18.66 -17.65 -23.73
N THR A 258 -19.41 -18.58 -23.11
CA THR A 258 -18.89 -19.37 -22.00
C THR A 258 -17.79 -20.33 -22.43
N GLY A 259 -17.44 -20.32 -23.71
CA GLY A 259 -16.37 -21.12 -24.22
C GLY A 259 -15.13 -20.29 -24.48
N LEU A 260 -15.30 -18.98 -24.44
CA LEU A 260 -14.18 -18.06 -24.58
C LEU A 260 -13.96 -17.30 -23.27
N LEU A 261 -14.65 -17.75 -22.23
CA LEU A 261 -14.52 -17.15 -20.90
C LEU A 261 -13.88 -18.10 -19.91
N VAL A 262 -13.00 -17.54 -19.09
CA VAL A 262 -12.35 -18.25 -17.99
C VAL A 262 -12.69 -17.53 -16.70
N PRO A 263 -13.20 -18.26 -15.69
CA PRO A 263 -13.46 -17.60 -14.40
C PRO A 263 -12.16 -17.16 -13.74
N VAL A 264 -12.20 -16.12 -12.91
CA VAL A 264 -11.03 -15.73 -12.13
C VAL A 264 -11.33 -15.87 -10.66
N LEU A 265 -10.66 -16.83 -10.02
CA LEU A 265 -10.89 -17.10 -8.61
C LEU A 265 -10.12 -16.12 -7.72
N THR A 266 -10.84 -15.44 -6.83
CA THR A 266 -10.21 -14.72 -5.74
C THR A 266 -9.91 -15.72 -4.63
N LEU A 267 -9.32 -15.26 -3.54
CA LEU A 267 -9.00 -16.14 -2.42
C LEU A 267 -10.27 -16.76 -1.84
N GLU A 268 -11.31 -15.94 -1.71
CA GLU A 268 -12.57 -16.38 -1.12
C GLU A 268 -13.19 -17.56 -1.85
N ASP A 269 -13.05 -17.58 -3.17
CA ASP A 269 -13.54 -18.68 -3.98
C ASP A 269 -12.88 -20.00 -3.59
N LEU A 270 -11.59 -19.92 -3.26
CA LEU A 270 -10.85 -21.08 -2.79
C LEU A 270 -11.30 -21.45 -1.37
N HIS A 271 -11.53 -20.44 -0.55
CA HIS A 271 -12.03 -20.65 0.81
C HIS A 271 -13.36 -21.41 0.80
N GLU A 272 -14.12 -21.28 -0.28
CA GLU A 272 -15.36 -22.03 -0.45
C GLU A 272 -15.10 -23.40 -1.07
N GLU A 273 -14.17 -24.15 -0.46
CA GLU A 273 -13.84 -25.50 -0.91
C GLU A 273 -13.25 -26.32 0.23
N LEU A 277 -6.63 -22.70 3.54
CA LEU A 277 -5.82 -22.05 2.51
C LEU A 277 -4.36 -22.03 2.93
N ALA A 278 -4.03 -21.09 3.82
CA ALA A 278 -2.68 -20.91 4.34
C ALA A 278 -1.66 -20.65 3.24
N LEU A 279 -1.63 -19.41 2.76
CA LEU A 279 -0.64 -18.97 1.79
C LEU A 279 0.44 -18.13 2.49
N SER A 280 0.27 -17.95 3.80
CA SER A 280 1.30 -17.33 4.61
C SER A 280 2.38 -18.34 4.94
N LEU A 281 3.58 -17.84 5.21
CA LEU A 281 4.70 -18.69 5.56
C LEU A 281 5.34 -18.24 6.86
N PRO A 282 5.51 -19.18 7.79
CA PRO A 282 6.36 -18.94 8.95
C PRO A 282 7.73 -18.46 8.44
N TRP A 283 8.33 -17.48 9.10
CA TRP A 283 9.53 -16.83 8.55
C TRP A 283 10.68 -17.81 8.29
N GLU A 284 10.77 -18.85 9.12
CA GLU A 284 11.77 -19.89 8.93
C GLU A 284 11.54 -20.59 7.59
N GLU A 285 10.29 -20.97 7.34
CA GLU A 285 9.92 -21.66 6.10
C GLU A 285 10.18 -20.78 4.88
N ARG A 286 9.82 -19.50 4.99
CA ARG A 286 10.03 -18.55 3.90
C ARG A 286 11.52 -18.41 3.59
N ARG A 287 12.35 -18.27 4.62
CA ARG A 287 13.80 -18.18 4.45
C ARG A 287 14.34 -19.43 3.74
N ARG A 288 13.90 -20.61 4.20
CA ARG A 288 14.31 -21.87 3.59
C ARG A 288 14.00 -21.90 2.10
N ARG A 289 12.73 -21.69 1.78
CA ARG A 289 12.24 -21.75 0.40
C ARG A 289 12.93 -20.69 -0.49
N THR A 290 13.17 -19.51 0.07
CA THR A 290 13.93 -18.47 -0.59
C THR A 290 15.31 -18.98 -1.01
N ARG A 291 16.03 -19.56 -0.04
CA ARG A 291 17.36 -20.12 -0.32
C ARG A 291 17.29 -21.20 -1.39
N GLU A 292 16.36 -22.13 -1.24
CA GLU A 292 16.17 -23.21 -2.20
C GLU A 292 15.99 -22.68 -3.63
N ILE A 293 15.11 -21.71 -3.78
CA ILE A 293 14.82 -21.17 -5.10
C ILE A 293 16.01 -20.37 -5.65
N ALA A 294 16.77 -19.73 -4.76
CA ALA A 294 17.94 -19.00 -5.23
C ALA A 294 19.00 -19.97 -5.77
N SER A 295 19.26 -21.03 -5.03
CA SER A 295 20.23 -22.01 -5.50
C SER A 295 19.72 -22.65 -6.79
N TRP A 296 18.41 -22.95 -6.86
CA TRP A 296 17.86 -23.54 -8.08
C TRP A 296 18.03 -22.63 -9.30
N ILE A 297 17.79 -21.33 -9.14
CA ILE A 297 17.94 -20.39 -10.24
C ILE A 297 19.41 -20.31 -10.65
N GLY A 298 20.29 -20.18 -9.65
CA GLY A 298 21.71 -20.09 -9.93
C GLY A 298 22.17 -21.30 -10.73
N ARG A 299 21.71 -22.48 -10.30
CA ARG A 299 22.00 -23.74 -10.97
C ARG A 299 21.52 -23.77 -12.42
N ARG A 300 20.25 -23.42 -12.64
CA ARG A 300 19.65 -23.63 -13.95
C ARG A 300 20.09 -22.57 -14.96
N LEU A 301 20.66 -21.48 -14.47
CA LEU A 301 20.98 -20.36 -15.34
C LEU A 301 22.48 -20.12 -15.43
N GLY A 302 23.23 -20.91 -14.67
CA GLY A 302 24.69 -20.84 -14.71
C GLY A 302 25.22 -19.57 -14.11
N LEU A 303 24.60 -19.14 -13.00
CA LEU A 303 24.97 -17.90 -12.34
C LEU A 303 25.74 -18.18 -11.04
N GLY A 304 26.07 -19.44 -10.81
CA GLY A 304 26.88 -19.82 -9.67
C GLY A 304 26.05 -20.14 -8.45
N THR A 305 26.72 -20.46 -7.33
CA THR A 305 25.99 -20.74 -6.10
C THR A 305 25.81 -19.44 -5.33
N PRO A 306 24.59 -19.22 -4.83
CA PRO A 306 24.21 -17.95 -4.20
C PRO A 306 24.88 -17.69 -2.86
N GLU A 307 25.41 -16.48 -2.70
CA GLU A 307 25.91 -16.00 -1.42
C GLU A 307 24.93 -14.96 -0.88
N ALA A 308 24.15 -15.35 0.12
CA ALA A 308 23.17 -14.44 0.73
C ALA A 308 23.88 -13.23 1.32
N VAL A 309 23.39 -12.02 1.04
CA VAL A 309 24.06 -10.83 1.56
C VAL A 309 23.68 -10.57 3.02
N ARG A 310 24.67 -10.22 3.82
CA ARG A 310 24.41 -9.93 5.22
C ARG A 310 24.38 -8.42 5.41
N ALA A 311 23.93 -8.01 6.58
CA ALA A 311 23.91 -6.60 6.95
C ALA A 311 23.84 -6.49 8.46
N GLN A 312 24.58 -5.53 9.00
CA GLN A 312 24.54 -5.27 10.42
C GLN A 312 23.19 -4.66 10.77
N ALA A 313 22.59 -5.11 11.86
CA ALA A 313 21.30 -4.60 12.31
C ALA A 313 21.35 -4.23 13.79
N TYR A 314 20.76 -3.09 14.15
CA TYR A 314 20.77 -2.65 15.55
C TYR A 314 19.38 -2.65 16.20
N ARG A 315 19.23 -3.39 17.30
CA ARG A 315 17.96 -3.50 18.01
C ARG A 315 17.67 -2.20 18.78
N LEU A 316 16.72 -1.42 18.27
CA LEU A 316 16.40 -0.12 18.86
C LEU A 316 15.69 -0.26 20.21
N SER A 317 15.84 0.78 21.02
CA SER A 317 15.27 0.81 22.37
C SER A 317 13.76 0.90 22.36
N ILE A 318 13.09 0.04 23.13
CA ILE A 318 11.62 0.08 23.26
C ILE A 318 11.21 1.35 24.02
N PRO A 319 10.23 2.10 23.45
CA PRO A 319 9.85 3.43 23.96
C PRO A 319 9.12 3.39 25.31
N LYS A 320 8.95 4.55 25.94
CA LYS A 320 8.29 4.62 27.24
C LYS A 320 6.89 5.24 27.11
N LEU A 321 5.87 4.39 27.09
CA LEU A 321 4.49 4.85 26.93
C LEU A 321 3.88 5.33 28.25
N MET A 322 3.57 6.62 28.30
CA MET A 322 3.04 7.21 29.52
C MET A 322 1.53 7.52 29.47
N GLY A 323 0.77 6.85 30.32
CA GLY A 323 -0.61 7.23 30.58
C GLY A 323 -0.61 8.26 31.70
N ARG A 324 -1.30 7.95 32.80
CA ARG A 324 -1.10 8.68 34.05
C ARG A 324 0.28 8.28 34.56
N ARG A 325 0.54 6.98 34.52
CA ARG A 325 1.88 6.42 34.68
C ARG A 325 2.18 5.51 33.48
N ALA A 326 3.36 4.90 33.46
CA ALA A 326 3.79 4.07 32.34
C ALA A 326 2.83 2.92 32.01
N VAL A 327 2.71 2.63 30.72
CA VAL A 327 1.87 1.54 30.23
C VAL A 327 2.55 0.75 29.12
N SER A 328 2.23 -0.53 29.01
CA SER A 328 2.69 -1.36 27.89
C SER A 328 1.92 -1.09 26.60
N LYS A 329 0.64 -0.73 26.76
CA LYS A 329 -0.28 -0.54 25.64
C LYS A 329 -1.34 0.50 26.00
N PRO A 330 -1.96 1.15 24.99
CA PRO A 330 -2.97 2.19 25.24
C PRO A 330 -4.15 1.73 26.07
N ALA A 331 -4.62 0.50 25.87
CA ALA A 331 -5.80 0.00 26.56
C ALA A 331 -5.65 0.07 28.09
N ASP A 332 -4.43 -0.13 28.57
CA ASP A 332 -4.14 -0.15 30.00
C ASP A 332 -4.45 1.19 30.68
N ALA A 333 -4.42 2.26 29.89
CA ALA A 333 -4.66 3.60 30.42
C ALA A 333 -6.10 3.75 30.90
N LEU A 334 -6.95 2.79 30.56
CA LEU A 334 -8.33 2.76 31.05
C LEU A 334 -8.33 2.43 32.54
N ARG A 335 -7.40 1.57 32.94
CA ARG A 335 -7.22 1.22 34.35
C ARG A 335 -6.37 2.28 35.05
N VAL A 336 -5.22 2.57 34.45
CA VAL A 336 -4.24 3.49 35.02
C VAL A 336 -4.67 4.96 35.01
N GLY A 337 -5.19 5.41 33.87
CA GLY A 337 -5.57 6.81 33.73
C GLY A 337 -4.93 7.43 32.52
N PHE A 338 -5.43 8.59 32.08
CA PHE A 338 -4.94 9.20 30.85
C PHE A 338 -3.80 10.16 31.09
N TYR A 339 -3.02 10.40 30.03
CA TYR A 339 -1.89 11.31 30.11
C TYR A 339 -2.36 12.73 30.38
N ARG A 340 -3.21 13.25 29.51
CA ARG A 340 -3.75 14.59 29.68
C ARG A 340 -5.27 14.60 29.50
N ALA A 341 -5.98 14.41 30.61
CA ALA A 341 -7.43 14.47 30.59
C ALA A 341 -7.92 15.89 30.89
N GLN A 342 -9.15 16.19 30.46
CA GLN A 342 -9.77 17.48 30.76
C GLN A 342 -11.23 17.25 31.15
N GLU A 343 -11.99 18.34 31.32
CA GLU A 343 -13.41 18.19 31.55
C GLU A 343 -14.06 17.75 30.25
N THR A 344 -14.49 16.49 30.18
CA THR A 344 -15.05 15.96 28.93
C THR A 344 -16.52 15.55 29.05
N ALA A 345 -17.28 15.89 28.01
CA ALA A 345 -18.67 15.49 27.90
C ALA A 345 -18.85 14.52 26.74
N LEU A 346 -19.42 13.35 27.02
CA LEU A 346 -19.69 12.36 25.98
C LEU A 346 -21.20 12.15 25.82
N ALA A 347 -21.64 11.61 24.68
CA ALA A 347 -23.08 11.40 24.45
C ALA A 347 -23.39 10.02 23.89
N LEU A 348 -24.49 9.44 24.34
CA LEU A 348 -24.87 8.12 23.84
C LEU A 348 -25.98 8.27 22.80
N LEU A 349 -25.89 7.47 21.73
CA LEU A 349 -26.95 7.40 20.74
C LEU A 349 -27.28 5.94 20.49
N ARG A 350 -28.47 5.54 20.89
CA ARG A 350 -28.95 4.17 20.74
C ARG A 350 -29.78 4.04 19.47
N LEU A 351 -29.56 2.96 18.72
CA LEU A 351 -30.34 2.69 17.51
C LEU A 351 -30.92 1.27 17.56
N ASP A 352 -30.82 0.64 18.72
CA ASP A 352 -31.41 -0.67 18.94
C ASP A 352 -32.72 -0.51 19.71
N GLY A 353 -33.15 0.74 19.85
CA GLY A 353 -34.38 1.03 20.58
C GLY A 353 -34.28 0.67 22.05
N ALA A 354 -33.06 0.76 22.59
CA ALA A 354 -32.87 0.58 24.03
C ALA A 354 -32.63 1.96 24.65
N GLN A 355 -32.50 2.00 25.96
CA GLN A 355 -32.54 3.28 26.65
C GLN A 355 -31.17 3.92 26.89
N GLY A 356 -30.51 3.52 27.97
CA GLY A 356 -29.32 4.24 28.40
C GLY A 356 -28.00 3.50 28.26
N TRP A 357 -26.96 4.07 28.85
CA TRP A 357 -25.64 3.46 28.89
C TRP A 357 -25.68 2.08 29.53
N PRO A 358 -25.01 1.10 28.90
CA PRO A 358 -24.76 -0.16 29.62
C PRO A 358 -23.98 0.14 30.89
N GLU A 359 -24.19 -0.64 31.94
CA GLU A 359 -23.59 -0.31 33.24
C GLU A 359 -22.07 -0.42 33.21
N PHE A 360 -21.56 -1.45 32.55
CA PHE A 360 -20.12 -1.68 32.54
C PHE A 360 -19.36 -0.61 31.76
N LEU A 361 -20.01 0.00 30.77
CA LEU A 361 -19.39 1.08 30.03
C LEU A 361 -19.28 2.35 30.87
N ARG A 362 -20.38 2.69 31.55
CA ARG A 362 -20.40 3.83 32.46
C ARG A 362 -19.38 3.63 33.58
N ARG A 363 -19.29 2.40 34.07
CA ARG A 363 -18.33 2.07 35.11
C ARG A 363 -16.92 2.26 34.59
N ALA A 364 -16.60 1.61 33.47
CA ALA A 364 -15.26 1.70 32.87
C ALA A 364 -14.83 3.14 32.64
N LEU A 365 -15.75 3.95 32.12
CA LEU A 365 -15.44 5.36 31.87
C LEU A 365 -15.22 6.15 33.16
N LEU A 366 -16.11 5.94 34.13
CA LEU A 366 -16.03 6.65 35.41
C LEU A 366 -14.74 6.31 36.13
N ARG A 367 -14.37 5.05 36.07
CA ARG A 367 -13.12 4.53 36.62
C ARG A 367 -11.91 5.19 35.95
N ALA A 368 -11.87 5.11 34.62
CA ALA A 368 -10.76 5.70 33.87
C ALA A 368 -10.60 7.20 34.13
N PHE A 369 -11.71 7.89 34.36
CA PHE A 369 -11.66 9.33 34.62
C PHE A 369 -11.37 9.66 36.08
N GLY A 370 -11.70 8.73 36.98
CA GLY A 370 -11.42 8.92 38.38
C GLY A 370 -9.92 8.85 38.54
N ALA A 371 -9.32 7.90 37.83
CA ALA A 371 -7.88 7.70 37.82
C ALA A 371 -7.13 8.82 37.10
N SER A 372 -7.85 9.88 36.75
CA SER A 372 -7.27 10.96 35.98
C SER A 372 -7.64 12.30 36.60
N GLY A 373 -8.59 12.27 37.53
CA GLY A 373 -9.08 13.46 38.20
C GLY A 373 -9.46 14.59 37.25
N ALA A 374 -10.44 14.35 36.39
CA ALA A 374 -10.79 15.31 35.35
C ALA A 374 -12.27 15.68 35.36
N SER A 375 -13.08 14.79 35.91
CA SER A 375 -14.55 14.89 35.96
C SER A 375 -15.18 14.64 34.58
N LEU A 376 -15.97 13.58 34.52
CA LEU A 376 -16.61 13.10 33.30
C LEU A 376 -18.10 13.43 33.29
N ARG A 377 -18.65 13.76 32.12
CA ARG A 377 -20.07 14.07 32.04
C ARG A 377 -20.77 13.32 30.90
N LEU A 378 -21.61 12.34 31.27
CA LEU A 378 -22.30 11.48 30.32
C LEU A 378 -23.73 11.93 29.99
N HIS A 379 -23.98 12.21 28.71
CA HIS A 379 -25.31 12.55 28.24
C HIS A 379 -25.89 11.40 27.41
N THR A 380 -27.19 11.47 27.16
CA THR A 380 -27.83 10.55 26.24
C THR A 380 -28.65 11.36 25.24
N LEU A 381 -28.60 10.94 23.97
CA LEU A 381 -29.41 11.58 22.94
C LEU A 381 -30.74 10.84 22.86
N HIS A 382 -31.80 11.53 23.26
CA HIS A 382 -33.14 11.05 23.05
C HIS A 382 -33.60 11.65 21.72
N ALA A 383 -33.08 11.07 20.65
CA ALA A 383 -33.37 11.51 19.30
C ALA A 383 -32.97 10.41 18.35
N HIS A 384 -33.59 10.42 17.18
CA HIS A 384 -33.39 9.40 16.16
C HIS A 384 -33.33 10.02 14.80
N PRO A 385 -32.67 9.34 13.87
CA PRO A 385 -32.45 9.93 12.57
C PRO A 385 -33.76 9.96 11.76
N SER A 386 -34.65 9.04 12.09
CA SER A 386 -35.99 9.01 11.51
C SER A 386 -36.83 10.28 11.66
N GLN A 387 -36.37 11.21 12.50
CA GLN A 387 -37.15 12.39 12.82
C GLN A 387 -37.04 13.46 11.74
N GLY A 388 -35.91 13.51 11.05
CA GLY A 388 -35.66 14.59 10.12
C GLY A 388 -34.88 15.72 10.77
N LEU A 389 -35.27 16.96 10.49
CA LEU A 389 -34.52 18.09 10.99
C LEU A 389 -34.43 18.11 12.52
N ALA A 390 -35.48 17.65 13.20
CA ALA A 390 -35.50 17.59 14.66
C ALA A 390 -34.29 16.85 15.22
N PHE A 391 -33.84 15.83 14.51
CA PHE A 391 -32.65 15.10 14.89
C PHE A 391 -31.42 16.02 14.87
N ARG A 392 -31.27 16.74 13.77
CA ARG A 392 -30.20 17.71 13.63
C ARG A 392 -30.23 18.72 14.77
N GLU A 393 -31.43 19.11 15.17
CA GLU A 393 -31.57 20.08 16.25
C GLU A 393 -31.11 19.46 17.57
N ALA A 394 -31.48 18.22 17.81
CA ALA A 394 -31.03 17.51 18.99
C ALA A 394 -29.50 17.52 19.05
N LEU A 395 -28.89 17.15 17.93
CA LEU A 395 -27.44 17.20 17.79
C LEU A 395 -26.87 18.57 18.14
N ARG A 396 -27.43 19.62 17.55
CA ARG A 396 -26.96 20.98 17.78
C ARG A 396 -26.99 21.30 19.28
N LYS A 397 -28.09 20.94 19.93
CA LYS A 397 -28.27 21.16 21.35
C LYS A 397 -27.21 20.42 22.17
N ALA A 398 -26.92 19.19 21.80
CA ALA A 398 -25.90 18.46 22.54
C ALA A 398 -24.54 19.09 22.37
N LYS A 399 -24.33 19.70 21.24
CA LYS A 399 -23.07 20.31 20.95
C LYS A 399 -22.93 21.51 21.83
N GLU A 400 -23.92 22.37 21.82
CA GLU A 400 -23.82 23.59 22.62
C GLU A 400 -23.75 23.32 24.13
N GLU A 401 -24.22 22.16 24.56
CA GLU A 401 -24.14 21.77 25.97
C GLU A 401 -22.78 21.14 26.27
N GLY A 402 -21.85 21.25 25.32
CA GLY A 402 -20.49 20.84 25.56
C GLY A 402 -20.11 19.41 25.18
N VAL A 403 -21.05 18.65 24.64
CA VAL A 403 -20.74 17.29 24.16
C VAL A 403 -19.67 17.32 23.07
N GLN A 404 -18.68 16.44 23.19
CA GLN A 404 -17.52 16.48 22.30
C GLN A 404 -17.46 15.32 21.31
N ALA A 405 -18.21 14.27 21.61
CA ALA A 405 -18.22 13.06 20.80
C ALA A 405 -19.41 12.20 21.17
N VAL A 406 -19.93 11.41 20.23
CA VAL A 406 -21.00 10.52 20.63
C VAL A 406 -20.69 9.04 20.31
N LEU A 407 -20.97 8.21 21.31
CA LEU A 407 -20.93 6.76 21.13
C LEU A 407 -22.28 6.35 20.57
N VAL A 408 -22.26 5.44 19.60
CA VAL A 408 -23.45 4.99 18.91
C VAL A 408 -23.60 3.49 19.01
N LEU A 409 -24.53 3.06 19.86
CA LEU A 409 -24.83 1.64 19.99
C LEU A 409 -25.81 1.27 18.90
N THR A 410 -25.41 0.32 18.04
CA THR A 410 -26.25 0.00 16.89
C THR A 410 -25.94 -1.35 16.30
N PRO A 411 -26.98 -2.03 15.77
CA PRO A 411 -26.71 -3.26 15.03
C PRO A 411 -25.85 -2.94 13.82
N PRO A 412 -25.08 -3.92 13.32
CA PRO A 412 -24.25 -3.77 12.12
C PRO A 412 -24.90 -2.89 11.07
N MET A 413 -24.33 -1.72 10.81
CA MET A 413 -24.88 -0.80 9.83
C MET A 413 -24.38 -1.15 8.43
N ALA A 414 -25.25 -1.06 7.44
CA ALA A 414 -24.82 -1.11 6.06
C ALA A 414 -23.87 0.06 5.82
N TRP A 415 -22.90 -0.17 4.94
CA TRP A 415 -21.92 0.83 4.54
C TRP A 415 -22.48 2.24 4.35
N GLU A 416 -23.49 2.32 3.49
CA GLU A 416 -24.08 3.59 3.10
C GLU A 416 -24.70 4.30 4.30
N ASP A 417 -25.36 3.52 5.16
CA ASP A 417 -26.01 4.07 6.34
C ASP A 417 -25.00 4.55 7.37
N ARG A 418 -23.92 3.78 7.51
CA ARG A 418 -22.78 4.14 8.35
C ARG A 418 -22.25 5.51 7.94
N ASN A 419 -21.91 5.62 6.66
CA ASN A 419 -21.37 6.88 6.13
C ASN A 419 -22.34 8.04 6.26
N ARG A 420 -23.62 7.75 6.04
CA ARG A 420 -24.63 8.80 6.10
C ARG A 420 -24.74 9.32 7.52
N LEU A 421 -24.80 8.40 8.48
CA LEU A 421 -24.93 8.74 9.89
C LEU A 421 -23.74 9.52 10.42
N LYS A 422 -22.55 8.97 10.16
CA LYS A 422 -21.31 9.65 10.45
C LYS A 422 -21.35 11.08 9.93
N ALA A 423 -21.58 11.22 8.63
CA ALA A 423 -21.48 12.53 7.99
C ALA A 423 -22.49 13.48 8.59
N LEU A 424 -23.65 12.90 8.94
CA LEU A 424 -24.73 13.63 9.56
C LEU A 424 -24.28 14.28 10.86
N LEU A 425 -23.80 13.45 11.81
CA LEU A 425 -23.26 13.97 13.06
C LEU A 425 -22.10 14.94 12.84
N LEU A 426 -21.30 14.68 11.82
CA LEU A 426 -20.15 15.52 11.48
C LEU A 426 -20.56 16.91 11.00
N ARG A 427 -21.74 17.02 10.39
CA ARG A 427 -22.25 18.33 9.97
C ARG A 427 -22.47 19.24 11.16
N GLU A 428 -22.77 18.65 12.30
CA GLU A 428 -23.02 19.40 13.51
C GLU A 428 -21.82 19.34 14.45
N GLY A 429 -20.68 18.93 13.89
CA GLY A 429 -19.42 18.93 14.63
C GLY A 429 -19.30 17.84 15.68
N LEU A 430 -19.94 16.70 15.44
CA LEU A 430 -19.94 15.64 16.44
C LEU A 430 -19.26 14.39 15.92
N PRO A 431 -17.98 14.22 16.26
CA PRO A 431 -17.30 12.95 15.96
C PRO A 431 -18.03 11.81 16.65
N SER A 432 -17.93 10.60 16.10
CA SER A 432 -18.70 9.49 16.63
C SER A 432 -17.93 8.19 16.56
N GLN A 433 -18.15 7.33 17.55
CA GLN A 433 -17.59 5.99 17.53
C GLN A 433 -18.76 5.03 17.54
N ILE A 434 -18.69 4.00 16.71
CA ILE A 434 -19.79 3.06 16.61
C ILE A 434 -19.44 1.80 17.39
N LEU A 435 -20.41 1.30 18.15
CA LEU A 435 -20.28 0.06 18.88
C LEU A 435 -21.46 -0.84 18.54
N ASN A 436 -21.18 -1.98 17.90
CA ASN A 436 -22.25 -2.86 17.46
C ASN A 436 -22.86 -3.58 18.66
N VAL A 437 -24.19 -3.66 18.67
CA VAL A 437 -24.92 -3.81 19.92
C VAL A 437 -25.30 -5.22 20.38
N PRO A 438 -25.18 -6.24 19.50
CA PRO A 438 -25.16 -7.50 20.24
C PRO A 438 -23.86 -7.57 21.06
N LEU A 439 -23.89 -6.96 22.25
CA LEU A 439 -22.70 -6.66 23.05
C LEU A 439 -22.71 -7.28 24.46
N ARG A 440 -21.80 -8.23 24.70
CA ARG A 440 -21.62 -8.78 26.04
C ARG A 440 -20.49 -8.07 26.77
N GLU A 441 -20.51 -8.09 28.10
CA GLU A 441 -19.48 -7.42 28.89
C GLU A 441 -18.13 -8.12 28.76
N GLU A 442 -18.16 -9.45 28.61
CA GLU A 442 -16.93 -10.23 28.52
C GLU A 442 -16.19 -10.01 27.20
N GLU A 443 -16.75 -9.19 26.32
CA GLU A 443 -16.09 -8.87 25.06
C GLU A 443 -15.15 -7.68 25.24
N ARG A 444 -14.25 -7.78 26.21
CA ARG A 444 -13.46 -6.65 26.69
C ARG A 444 -12.72 -5.90 25.58
N HIS A 445 -12.06 -6.63 24.69
CA HIS A 445 -11.27 -6.04 23.62
C HIS A 445 -12.08 -5.08 22.72
N ARG A 446 -13.21 -5.56 22.24
CA ARG A 446 -14.01 -4.77 21.31
C ARG A 446 -14.48 -3.45 21.94
N TRP A 447 -15.11 -3.52 23.10
CA TRP A 447 -15.67 -2.28 23.64
C TRP A 447 -14.60 -1.40 24.27
N GLU A 448 -13.47 -1.98 24.65
CA GLU A 448 -12.40 -1.14 25.18
C GLU A 448 -11.76 -0.35 24.04
N ASN A 449 -11.57 -1.02 22.90
CA ASN A 449 -11.09 -0.34 21.70
C ASN A 449 -12.08 0.73 21.24
N ALA A 450 -13.37 0.40 21.28
CA ALA A 450 -14.42 1.36 21.01
C ALA A 450 -14.28 2.59 21.91
N LEU A 451 -14.10 2.35 23.21
CA LEU A 451 -13.99 3.41 24.20
C LEU A 451 -12.77 4.29 23.93
N LEU A 452 -11.66 3.65 23.58
CA LEU A 452 -10.45 4.37 23.20
C LEU A 452 -10.69 5.27 21.98
N GLY A 453 -11.34 4.73 20.96
CA GLY A 453 -11.65 5.51 19.78
C GLY A 453 -12.52 6.70 20.15
N LEU A 454 -13.52 6.43 20.97
CA LEU A 454 -14.44 7.47 21.47
C LEU A 454 -13.65 8.62 22.07
N LEU A 455 -12.80 8.28 23.03
CA LEU A 455 -12.01 9.27 23.75
C LEU A 455 -11.05 10.02 22.81
N ALA A 456 -10.43 9.31 21.88
CA ALA A 456 -9.55 9.95 20.89
C ALA A 456 -10.32 11.01 20.11
N LYS A 457 -11.52 10.63 19.67
CA LYS A 457 -12.40 11.51 18.92
C LYS A 457 -12.84 12.71 19.74
N ALA A 458 -12.97 12.50 21.05
CA ALA A 458 -13.33 13.57 21.96
C ALA A 458 -12.23 14.62 22.09
N GLY A 459 -10.99 14.22 21.90
CA GLY A 459 -9.87 15.15 21.99
C GLY A 459 -8.89 14.83 23.09
N LEU A 460 -9.12 13.72 23.80
CA LEU A 460 -8.21 13.28 24.85
C LEU A 460 -6.88 12.82 24.27
N GLN A 461 -5.88 12.67 25.13
CA GLN A 461 -4.57 12.22 24.69
C GLN A 461 -4.31 10.77 25.08
N VAL A 462 -4.78 10.39 26.27
CA VAL A 462 -4.69 9.03 26.81
C VAL A 462 -3.28 8.43 26.90
N VAL A 463 -2.41 8.66 25.92
CA VAL A 463 -1.03 8.20 25.98
C VAL A 463 -0.06 9.19 25.37
N ALA A 464 1.22 9.04 25.71
CA ALA A 464 2.27 9.92 25.19
C ALA A 464 3.61 9.22 25.27
N LEU A 465 4.58 9.72 24.49
CA LEU A 465 5.96 9.25 24.62
C LEU A 465 6.74 10.22 25.51
N SER A 466 7.17 9.73 26.67
CA SER A 466 7.87 10.57 27.64
C SER A 466 9.28 10.95 27.21
N GLY A 467 9.80 10.28 26.18
CA GLY A 467 11.18 10.49 25.75
C GLY A 467 11.48 11.89 25.23
N ALA A 468 12.70 12.07 24.73
CA ALA A 468 13.09 13.32 24.08
C ALA A 468 13.60 13.01 22.66
N TYR A 469 13.14 13.79 21.68
CA TYR A 469 13.33 13.43 20.27
C TYR A 469 13.82 14.61 19.44
N PRO A 470 14.55 14.32 18.34
CA PRO A 470 15.12 15.37 17.47
C PRO A 470 14.09 16.43 17.05
N ALA A 471 12.92 15.99 16.57
CA ALA A 471 11.86 16.93 16.16
C ALA A 471 10.67 16.87 17.10
N GLU A 472 10.18 18.03 17.55
CA GLU A 472 9.02 18.04 18.44
C GLU A 472 7.72 18.10 17.65
N LEU A 473 7.84 18.26 16.35
CA LEU A 473 6.70 18.16 15.45
C LEU A 473 6.98 17.16 14.35
N ALA A 474 6.20 16.08 14.30
CA ALA A 474 6.31 15.10 13.22
C ALA A 474 5.01 15.07 12.42
N VAL A 475 5.03 15.61 11.22
CA VAL A 475 3.83 15.57 10.38
C VAL A 475 4.04 14.62 9.19
N GLY A 476 3.00 13.81 8.94
CA GLY A 476 3.00 12.86 7.85
C GLY A 476 2.09 13.29 6.71
N PHE A 477 2.55 13.05 5.50
CA PHE A 477 1.82 13.46 4.30
C PHE A 477 1.35 12.24 3.49
N ASP A 478 0.06 12.18 3.20
CA ASP A 478 -0.51 11.17 2.32
C ASP A 478 -1.09 11.87 1.11
N ALA A 479 -0.91 11.30 -0.08
CA ALA A 479 -1.44 11.91 -1.31
C ALA A 479 -2.66 11.17 -1.85
N GLY A 480 -3.39 10.48 -0.96
CA GLY A 480 -4.52 9.68 -1.40
C GLY A 480 -4.01 8.52 -2.23
N GLY A 481 -4.74 8.19 -3.30
CA GLY A 481 -4.31 7.13 -4.18
C GLY A 481 -3.69 7.68 -5.46
N ARG A 482 -3.02 8.82 -5.34
CA ARG A 482 -2.46 9.50 -6.50
C ARG A 482 -0.95 9.61 -6.41
N GLU A 483 -0.33 10.11 -7.48
CA GLU A 483 1.12 10.21 -7.54
C GLU A 483 1.57 11.66 -7.41
N SER A 484 0.68 12.49 -6.86
CA SER A 484 0.97 13.91 -6.63
C SER A 484 -0.14 14.60 -5.81
N PHE A 485 0.21 15.74 -5.24
CA PHE A 485 -0.72 16.53 -4.45
C PHE A 485 -1.48 17.54 -5.29
N ARG A 486 -1.28 17.49 -6.61
CA ARG A 486 -2.02 18.32 -7.55
C ARG A 486 -3.52 18.01 -7.49
N PHE A 487 -3.86 16.78 -7.11
CA PHE A 487 -5.25 16.38 -6.98
C PHE A 487 -5.60 16.20 -5.51
N GLY A 488 -4.90 16.95 -4.67
CA GLY A 488 -5.13 16.94 -3.23
C GLY A 488 -4.52 15.77 -2.48
N GLY A 489 -4.38 15.97 -1.17
CA GLY A 489 -3.99 14.92 -0.24
C GLY A 489 -4.31 15.39 1.17
N ALA A 490 -3.67 14.81 2.17
CA ALA A 490 -3.90 15.20 3.56
C ALA A 490 -2.66 15.04 4.45
N ALA A 491 -2.65 15.75 5.58
CA ALA A 491 -1.56 15.64 6.54
C ALA A 491 -2.07 15.33 7.93
N CYS A 492 -1.28 14.59 8.70
CA CYS A 492 -1.54 14.46 10.13
C CYS A 492 -0.30 14.78 10.94
N ALA A 493 -0.45 15.55 12.00
CA ALA A 493 0.70 15.94 12.80
C ALA A 493 0.62 15.37 14.20
N VAL A 494 1.73 14.80 14.64
CA VAL A 494 1.91 14.43 16.04
C VAL A 494 2.95 15.38 16.62
N GLY A 495 2.60 16.11 17.68
CA GLY A 495 3.51 17.07 18.27
C GLY A 495 4.44 16.40 19.28
N ASP A 497 6.90 16.39 21.32
CA ASP A 497 7.75 15.28 20.91
C ASP A 497 6.91 14.02 20.69
N GLY A 498 6.10 13.69 21.69
CA GLY A 498 5.16 12.59 21.60
C GLY A 498 3.86 12.98 22.30
N GLY A 499 3.22 14.03 21.80
CA GLY A 499 1.99 14.54 22.37
C GLY A 499 1.25 15.47 21.43
N HIS A 500 -0.05 15.69 21.68
CA HIS A 500 -0.92 16.50 20.82
C HIS A 500 -1.05 15.93 19.39
N LEU A 501 -2.26 15.95 18.86
CA LEU A 501 -2.49 15.36 17.54
C LEU A 501 -3.40 16.23 16.67
N LEU A 502 -2.99 16.47 15.42
CA LEU A 502 -3.75 17.32 14.50
C LEU A 502 -3.83 16.72 13.09
N TRP A 503 -4.88 17.08 12.35
CA TRP A 503 -5.04 16.68 10.95
C TRP A 503 -5.36 17.91 10.10
N THR A 504 -5.14 17.82 8.80
CA THR A 504 -5.40 18.93 7.88
C THR A 504 -5.79 18.40 6.51
N LEU A 505 -6.73 19.08 5.85
CA LEU A 505 -7.06 18.71 4.48
C LEU A 505 -6.56 19.80 3.53
N PRO A 506 -6.40 19.44 2.25
CA PRO A 506 -5.84 20.35 1.26
C PRO A 506 -6.62 21.67 1.22
N GLU A 507 -7.94 21.56 1.36
CA GLU A 507 -8.83 22.71 1.56
C GLU A 507 -8.57 23.90 0.62
N ALA A 508 -8.36 23.60 -0.66
CA ALA A 508 -8.10 24.62 -1.67
C ALA A 508 -8.31 24.04 -3.06
N GLN A 509 -9.53 23.59 -3.34
CA GLN A 509 -9.91 22.99 -4.62
C GLN A 509 -9.12 21.73 -4.96
N ALA A 510 -9.49 21.10 -6.07
CA ALA A 510 -8.86 19.86 -6.50
C ALA A 510 -8.70 19.82 -8.03
N GLY A 511 -7.86 20.71 -8.55
CA GLY A 511 -7.67 20.81 -9.99
C GLY A 511 -6.42 21.58 -10.39
N GLU A 512 -6.59 22.86 -10.72
CA GLU A 512 -5.46 23.70 -11.07
C GLU A 512 -4.66 24.09 -9.84
N ARG A 513 -4.14 23.09 -9.14
CA ARG A 513 -3.35 23.33 -7.93
C ARG A 513 -1.90 22.89 -8.11
N ILE A 514 -0.98 23.79 -7.74
CA ILE A 514 0.45 23.48 -7.81
C ILE A 514 0.85 22.59 -6.62
N PRO A 515 1.42 21.41 -6.91
CA PRO A 515 1.72 20.40 -5.90
C PRO A 515 2.56 20.93 -4.75
N GLN A 516 3.60 21.69 -5.09
CA GLN A 516 4.43 22.31 -4.07
C GLN A 516 3.61 23.16 -3.12
N GLU A 517 2.69 23.94 -3.69
CA GLU A 517 1.88 24.85 -2.88
C GLU A 517 0.89 24.09 -1.99
N VAL A 518 0.43 22.94 -2.47
CA VAL A 518 -0.43 22.08 -1.70
C VAL A 518 0.31 21.53 -0.48
N VAL A 519 1.50 21.01 -0.75
CA VAL A 519 2.34 20.48 0.32
C VAL A 519 2.63 21.57 1.34
N TRP A 520 3.05 22.74 0.87
CA TRP A 520 3.36 23.84 1.77
C TRP A 520 2.13 24.29 2.54
N ASP A 521 0.95 24.23 1.92
CA ASP A 521 -0.26 24.63 2.61
C ASP A 521 -0.57 23.66 3.77
N LEU A 522 -0.46 22.36 3.49
CA LEU A 522 -0.68 21.35 4.54
C LEU A 522 0.26 21.58 5.71
N LEU A 523 1.54 21.72 5.35
CA LEU A 523 2.59 21.95 6.33
C LEU A 523 2.34 23.20 7.14
N GLU A 524 2.04 24.31 6.46
CA GLU A 524 1.85 25.60 7.12
C GLU A 524 0.69 25.55 8.08
N GLU A 525 -0.39 24.86 7.70
CA GLU A 525 -1.52 24.73 8.60
C GLU A 525 -1.14 23.93 9.84
N THR A 526 -0.36 22.86 9.66
CA THR A 526 0.04 22.10 10.85
C THR A 526 0.94 22.97 11.74
N LEU A 527 1.79 23.76 11.10
CA LEU A 527 2.64 24.73 11.79
C LEU A 527 1.81 25.68 12.64
N TRP A 528 0.74 26.20 12.05
CA TRP A 528 -0.04 27.21 12.71
C TRP A 528 -0.86 26.61 13.84
N ALA A 529 -1.28 25.36 13.67
CA ALA A 529 -1.88 24.63 14.78
C ALA A 529 -0.91 24.52 15.95
N PHE A 530 0.32 24.12 15.66
CA PHE A 530 1.38 24.03 16.67
C PHE A 530 1.59 25.37 17.36
N ARG A 531 1.56 26.45 16.58
CA ARG A 531 1.79 27.78 17.11
C ARG A 531 0.66 28.17 18.05
N ARG A 532 -0.56 27.81 17.68
CA ARG A 532 -1.72 28.08 18.51
C ARG A 532 -1.63 27.33 19.84
N LYS A 533 -1.12 26.11 19.81
CA LYS A 533 -1.05 25.32 21.03
C LYS A 533 0.16 25.63 21.93
N ALA A 534 1.17 26.27 21.38
CA ALA A 534 2.44 26.40 22.11
C ALA A 534 2.96 27.83 22.20
N GLY A 535 2.38 28.75 21.43
CA GLY A 535 2.83 30.12 21.45
C GLY A 535 4.23 30.30 20.87
N ARG A 536 4.67 29.30 20.09
CA ARG A 536 5.98 29.32 19.44
C ARG A 536 6.02 28.43 18.20
N LEU A 537 7.05 28.60 17.38
CA LEU A 537 7.34 27.70 16.28
C LEU A 537 8.28 26.62 16.76
N PRO A 538 8.14 25.38 16.23
CA PRO A 538 9.01 24.28 16.67
C PRO A 538 10.45 24.47 16.17
N SER A 539 11.44 23.93 16.89
CA SER A 539 12.82 24.04 16.46
C SER A 539 13.14 23.19 15.22
N ARG A 540 12.59 21.98 15.20
CA ARG A 540 12.79 21.06 14.09
C ARG A 540 11.53 20.25 13.82
N VAL A 541 11.24 20.00 12.54
CA VAL A 541 10.13 19.15 12.14
C VAL A 541 10.57 17.91 11.37
N LEU A 542 9.96 16.77 11.70
CA LEU A 542 10.14 15.53 10.96
C LEU A 542 9.05 15.35 9.91
N LEU A 543 9.46 15.38 8.64
CA LEU A 543 8.54 15.30 7.52
C LEU A 543 8.48 13.86 6.96
N LEU A 544 7.32 13.22 7.10
CA LEU A 544 7.15 11.85 6.64
C LEU A 544 6.25 11.78 5.40
N ARG A 545 6.78 11.26 4.30
CA ARG A 545 5.96 11.06 3.08
C ARG A 545 5.96 9.61 2.67
N ASN A 546 5.01 9.20 1.83
CA ASN A 546 4.94 7.79 1.41
C ASN A 546 5.74 7.48 0.14
N GLY A 547 6.48 8.46 -0.36
CA GLY A 547 7.40 8.26 -1.47
C GLY A 547 6.80 7.81 -2.79
N ARG A 548 5.52 8.13 -2.99
CA ARG A 548 4.83 7.81 -4.24
C ARG A 548 4.70 9.05 -5.11
N VAL A 549 4.96 10.21 -4.50
CA VAL A 549 4.97 11.49 -5.21
C VAL A 549 6.42 11.95 -5.40
N PRO A 550 6.68 12.81 -6.40
CA PRO A 550 8.06 13.23 -6.64
C PRO A 550 8.64 14.03 -5.49
N GLN A 551 9.93 13.92 -5.23
CA GLN A 551 10.57 14.65 -4.14
C GLN A 551 10.49 16.16 -4.36
N ASP A 552 10.44 16.59 -5.62
CA ASP A 552 10.40 18.01 -5.94
C ASP A 552 9.19 18.71 -5.30
N GLU A 553 8.16 17.94 -4.98
CA GLU A 553 6.91 18.50 -4.49
C GLU A 553 7.02 19.06 -3.08
N PHE A 554 8.17 18.85 -2.45
CA PHE A 554 8.41 19.33 -1.10
C PHE A 554 9.44 20.46 -1.07
N ALA A 555 9.85 20.93 -2.25
CA ALA A 555 10.90 21.94 -2.35
C ALA A 555 10.49 23.26 -1.69
N LEU A 556 9.27 23.71 -1.99
CA LEU A 556 8.75 24.94 -1.42
C LEU A 556 8.62 24.85 0.10
N ALA A 557 8.22 23.68 0.59
CA ALA A 557 7.97 23.51 2.02
C ALA A 557 9.27 23.60 2.79
N LEU A 558 10.31 22.99 2.23
CA LEU A 558 11.63 23.01 2.82
C LEU A 558 12.21 24.42 2.78
N GLU A 559 12.08 25.08 1.62
CA GLU A 559 12.53 26.45 1.45
C GLU A 559 11.90 27.35 2.51
N ALA A 560 10.57 27.28 2.60
CA ALA A 560 9.78 28.05 3.56
C ALA A 560 10.16 27.75 5.01
N LEU A 561 10.40 26.48 5.31
CA LEU A 561 10.81 26.11 6.66
C LEU A 561 12.14 26.77 6.99
N ALA A 562 12.99 26.90 5.97
CA ALA A 562 14.29 27.55 6.15
C ALA A 562 14.14 29.06 6.37
N ARG A 563 13.38 29.72 5.51
CA ARG A 563 13.13 31.16 5.66
C ARG A 563 12.64 31.51 7.07
N GLU A 564 11.90 30.59 7.68
CA GLU A 564 11.30 30.82 8.99
C GLU A 564 12.20 30.34 10.12
N GLY A 565 13.38 29.83 9.75
CA GLY A 565 14.35 29.40 10.73
C GLY A 565 13.94 28.12 11.42
N ILE A 566 13.18 27.30 10.70
CA ILE A 566 12.77 26.00 11.23
C ILE A 566 13.56 24.86 10.58
N ALA A 567 14.31 24.13 11.39
CA ALA A 567 15.07 22.97 10.92
C ALA A 567 14.12 21.84 10.50
N TYR A 568 14.55 21.06 9.52
CA TYR A 568 13.70 19.97 9.02
C TYR A 568 14.43 18.67 8.75
N ASP A 569 13.66 17.61 8.56
CA ASP A 569 14.20 16.36 8.07
C ASP A 569 13.16 15.67 7.20
N LEU A 570 13.44 15.58 5.90
CA LEU A 570 12.56 14.86 4.99
C LEU A 570 12.95 13.38 4.94
N VAL A 571 11.97 12.53 5.24
CA VAL A 571 12.10 11.08 5.18
C VAL A 571 10.92 10.41 4.43
N SER A 572 11.28 9.52 3.51
CA SER A 572 10.33 8.77 2.70
C SER A 572 10.13 7.36 3.24
N VAL A 573 8.87 6.93 3.35
CA VAL A 573 8.55 5.62 3.90
C VAL A 573 7.77 4.78 2.91
N ARG A 574 8.26 3.59 2.61
CA ARG A 574 7.58 2.72 1.66
C ARG A 574 7.13 1.42 2.32
N LYS A 575 5.81 1.25 2.38
CA LYS A 575 5.20 0.08 2.99
C LYS A 575 5.55 -1.20 2.23
N SER A 576 5.99 -1.06 0.98
CA SER A 576 6.30 -2.23 0.16
C SER A 576 7.56 -2.04 -0.69
N GLY A 577 8.39 -3.07 -0.73
CA GLY A 577 9.61 -3.02 -1.52
C GLY A 577 10.87 -3.14 -0.68
N GLY A 578 10.69 -3.17 0.64
CA GLY A 578 11.82 -3.31 1.54
C GLY A 578 12.46 -4.69 1.55
N GLY A 579 11.87 -5.62 0.80
CA GLY A 579 12.35 -6.99 0.76
C GLY A 579 12.10 -7.67 2.09
N ARG A 580 12.79 -8.78 2.34
CA ARG A 580 12.65 -9.48 3.60
C ARG A 580 13.93 -9.37 4.42
N VAL A 581 13.84 -9.70 5.71
CA VAL A 581 14.95 -9.62 6.66
C VAL A 581 14.92 -10.81 7.61
N TYR A 582 15.98 -11.59 7.65
CA TYR A 582 16.01 -12.74 8.54
C TYR A 582 17.23 -12.68 9.48
N PRO A 583 17.07 -13.17 10.72
CA PRO A 583 18.23 -13.18 11.61
C PRO A 583 19.22 -14.27 11.22
N VAL A 584 20.51 -14.03 11.48
CA VAL A 584 21.53 -15.05 11.27
C VAL A 584 21.30 -16.19 12.25
N GLN A 585 21.25 -15.82 13.53
CA GLN A 585 20.97 -16.74 14.61
C GLN A 585 20.00 -16.11 15.61
N GLY A 586 19.24 -16.95 16.30
CA GLY A 586 18.32 -16.48 17.32
C GLY A 586 16.98 -16.08 16.76
N ARG A 587 16.26 -15.26 17.52
CA ARG A 587 14.93 -14.80 17.15
C ARG A 587 14.95 -13.41 16.55
N LEU A 588 13.99 -13.11 15.68
CA LEU A 588 13.84 -11.77 15.12
C LEU A 588 12.84 -10.95 15.94
N ALA A 589 13.22 -9.74 16.32
CA ALA A 589 12.41 -8.93 17.23
C ALA A 589 12.05 -7.55 16.67
N ASP A 590 11.17 -6.84 17.39
CA ASP A 590 10.78 -5.48 17.05
C ASP A 590 11.96 -4.52 17.09
N GLY A 591 11.76 -3.33 16.53
CA GLY A 591 12.73 -2.27 16.64
C GLY A 591 14.04 -2.56 15.93
N LEU A 592 13.97 -3.32 14.85
CA LEU A 592 15.17 -3.60 14.08
C LEU A 592 15.51 -2.48 13.09
N TYR A 593 16.67 -1.86 13.28
CA TYR A 593 17.20 -0.84 12.38
C TYR A 593 18.32 -1.40 11.50
N VAL A 594 18.15 -1.35 10.18
CA VAL A 594 19.13 -1.96 9.27
C VAL A 594 19.63 -0.98 8.23
N PRO A 595 20.64 -0.17 8.57
CA PRO A 595 21.16 0.83 7.62
C PRO A 595 21.62 0.18 6.34
N LEU A 596 21.45 0.85 5.20
CA LEU A 596 21.83 0.30 3.91
C LEU A 596 22.68 1.28 3.11
N GLU A 597 22.37 1.45 1.83
CA GLU A 597 23.14 2.33 0.95
C GLU A 597 23.05 3.80 1.36
N ASP A 598 23.36 4.68 0.42
CA ASP A 598 23.41 6.12 0.67
C ASP A 598 22.11 6.65 1.29
N LYS A 599 22.13 6.82 2.61
CA LYS A 599 21.03 7.46 3.35
C LYS A 599 19.71 6.69 3.31
N THR A 600 19.77 5.36 3.22
CA THR A 600 18.53 4.58 3.27
C THR A 600 18.67 3.41 4.26
N PHE A 601 17.57 3.01 4.90
CA PHE A 601 17.64 1.93 5.86
C PHE A 601 16.34 1.16 5.97
N LEU A 602 16.41 -0.02 6.57
CA LEU A 602 15.22 -0.82 6.78
C LEU A 602 14.79 -0.66 8.23
N LEU A 603 13.51 -0.92 8.48
CA LEU A 603 12.99 -0.81 9.84
C LEU A 603 11.92 -1.86 10.09
N LEU A 604 12.23 -2.84 10.92
CA LEU A 604 11.26 -3.86 11.24
C LEU A 604 10.50 -3.42 12.49
N THR A 605 9.53 -2.54 12.30
CA THR A 605 8.76 -1.94 13.38
C THR A 605 7.94 -2.93 14.19
N VAL A 606 7.15 -3.74 13.52
CA VAL A 606 6.17 -4.59 14.22
C VAL A 606 6.44 -6.08 13.97
N HIS A 607 6.18 -6.89 14.98
CA HIS A 607 6.33 -8.34 14.88
C HIS A 607 5.68 -9.03 16.07
N ARG A 608 4.41 -9.38 15.94
CA ARG A 608 3.68 -10.03 17.02
C ARG A 608 3.21 -11.42 16.63
N ASP A 609 2.24 -11.94 17.39
CA ASP A 609 1.77 -13.30 17.20
C ASP A 609 1.00 -13.48 15.89
N PHE A 610 1.72 -13.32 14.78
CA PHE A 610 1.19 -13.64 13.46
C PHE A 610 2.06 -14.72 12.82
N ARG A 611 1.43 -15.61 12.04
CA ARG A 611 2.15 -16.71 11.41
C ARG A 611 3.13 -16.24 10.35
N GLY A 612 2.70 -15.27 9.54
CA GLY A 612 3.47 -14.85 8.38
C GLY A 612 4.72 -14.03 8.68
N THR A 613 5.66 -14.06 7.73
CA THR A 613 6.87 -13.26 7.79
C THR A 613 6.56 -11.76 7.79
N PRO A 614 7.24 -11.00 8.66
CA PRO A 614 7.04 -9.54 8.68
C PRO A 614 7.60 -8.83 7.46
N ARG A 615 6.98 -7.72 7.07
CA ARG A 615 7.47 -6.87 5.99
C ARG A 615 8.14 -5.62 6.54
N PRO A 616 9.48 -5.58 6.52
CA PRO A 616 10.17 -4.39 7.02
C PRO A 616 9.83 -3.14 6.21
N LEU A 617 9.93 -1.98 6.83
CA LEU A 617 9.76 -0.70 6.15
C LEU A 617 11.05 -0.30 5.46
N LYS A 618 10.92 0.43 4.36
CA LYS A 618 12.09 0.95 3.68
C LYS A 618 12.05 2.46 3.74
N LEU A 619 13.08 3.06 4.32
CA LEU A 619 13.10 4.48 4.52
C LEU A 619 14.29 5.12 3.84
N VAL A 620 14.14 6.37 3.43
CA VAL A 620 15.22 7.13 2.81
C VAL A 620 15.28 8.54 3.39
N HIS A 621 16.39 8.86 4.06
CA HIS A 621 16.62 10.21 4.54
C HIS A 621 16.95 11.10 3.36
N GLU A 622 15.96 11.86 2.91
CA GLU A 622 16.08 12.63 1.69
C GLU A 622 16.51 14.07 1.95
N ALA A 623 16.31 14.55 3.18
CA ALA A 623 16.82 15.88 3.52
C ALA A 623 17.02 16.07 5.02
N GLY A 624 17.96 16.94 5.38
CA GLY A 624 18.26 17.20 6.78
C GLY A 624 19.52 16.51 7.24
N ASP A 625 20.08 16.98 8.35
CA ASP A 625 21.35 16.46 8.85
C ASP A 625 21.21 15.71 10.17
N THR A 626 20.05 15.09 10.39
CA THR A 626 19.87 14.26 11.59
C THR A 626 20.50 12.90 11.35
N PRO A 627 21.32 12.43 12.31
CA PRO A 627 21.91 11.09 12.21
C PRO A 627 20.84 9.99 12.05
N LEU A 628 21.01 9.14 11.03
CA LEU A 628 20.05 8.08 10.73
C LEU A 628 19.50 7.33 11.93
N GLU A 629 20.38 6.85 12.81
CA GLU A 629 19.94 6.11 13.99
C GLU A 629 18.91 6.92 14.80
N ALA A 630 19.11 8.23 14.86
CA ALA A 630 18.19 9.10 15.60
C ALA A 630 16.81 9.13 14.94
N LEU A 631 16.79 9.40 13.63
CA LEU A 631 15.57 9.34 12.83
C LEU A 631 14.83 8.01 13.02
N ALA A 632 15.56 6.91 12.83
CA ALA A 632 14.98 5.57 12.93
C ALA A 632 14.38 5.36 14.32
N HIS A 633 15.07 5.90 15.32
CA HIS A 633 14.61 5.88 16.69
C HIS A 633 13.24 6.55 16.81
N GLN A 634 13.17 7.80 16.35
CA GLN A 634 11.95 8.59 16.50
C GLN A 634 10.78 7.98 15.74
N ILE A 635 11.03 7.51 14.53
CA ILE A 635 9.98 6.92 13.70
C ILE A 635 9.46 5.63 14.32
N PHE A 636 10.39 4.80 14.77
CA PHE A 636 9.99 3.58 15.44
C PHE A 636 9.15 3.90 16.66
N HIS A 637 9.49 4.95 17.39
CA HIS A 637 8.71 5.23 18.58
C HIS A 637 7.35 5.78 18.19
N LEU A 638 7.30 6.54 17.11
CA LEU A 638 6.03 7.07 16.61
C LEU A 638 5.09 5.91 16.28
N THR A 639 5.66 4.78 15.84
CA THR A 639 4.87 3.56 15.68
C THR A 639 3.98 3.22 16.90
N ARG A 640 4.44 3.50 18.12
CA ARG A 640 3.69 3.12 19.32
C ARG A 640 2.65 4.15 19.77
N LEU A 641 2.52 5.25 19.04
CA LEU A 641 1.59 6.31 19.45
C LEU A 641 0.29 6.33 18.67
N TYR A 642 -0.39 5.20 18.61
CA TYR A 642 -1.69 5.15 17.98
C TYR A 642 -2.74 4.75 19.01
N PRO A 643 -3.51 5.74 19.48
CA PRO A 643 -4.37 5.67 20.67
C PRO A 643 -5.63 4.86 20.46
N ALA A 644 -5.90 4.49 19.20
CA ALA A 644 -7.14 3.82 18.87
C ALA A 644 -6.99 2.30 18.82
N SER A 645 -5.77 1.81 18.65
CA SER A 645 -5.57 0.36 18.52
C SER A 645 -5.56 -0.36 19.86
N GLY A 646 -5.04 0.29 20.89
CA GLY A 646 -5.17 -0.24 22.25
C GLY A 646 -4.41 -1.49 22.64
N PHE A 647 -4.39 -2.50 21.77
CA PHE A 647 -3.77 -3.78 22.08
C PHE A 647 -2.67 -4.18 21.09
N ALA A 648 -2.59 -3.47 19.96
CA ALA A 648 -1.61 -3.79 18.92
C ALA A 648 -1.06 -2.51 18.33
N PHE A 649 0.22 -2.48 17.98
CA PHE A 649 0.79 -1.28 17.40
C PHE A 649 0.74 -1.34 15.87
N PRO A 650 0.51 -0.20 15.22
CA PRO A 650 0.53 -0.17 13.76
C PRO A 650 1.94 -0.30 13.22
N ARG A 651 2.08 -0.92 12.06
CA ARG A 651 3.38 -1.08 11.41
C ARG A 651 3.95 0.26 10.93
N LEU A 652 3.10 1.28 10.76
CA LEU A 652 3.59 2.58 10.30
C LEU A 652 3.61 3.59 11.43
N PRO A 653 4.53 4.59 11.34
CA PRO A 653 4.56 5.69 12.31
C PRO A 653 3.22 6.39 12.39
N ALA A 654 2.82 6.81 13.58
CA ALA A 654 1.50 7.40 13.81
C ALA A 654 1.04 8.43 12.74
N PRO A 655 1.85 9.46 12.41
CA PRO A 655 1.36 10.43 11.42
C PRO A 655 0.96 9.86 10.06
N LEU A 656 1.70 8.85 9.57
CA LEU A 656 1.35 8.26 8.29
C LEU A 656 0.12 7.36 8.41
N HIS A 657 0.07 6.56 9.47
CA HIS A 657 -1.08 5.69 9.74
C HIS A 657 -2.37 6.50 9.85
N LEU A 658 -2.24 7.63 10.54
CA LEU A 658 -3.30 8.58 10.74
C LEU A 658 -3.71 9.18 9.41
N ALA A 659 -2.76 9.71 8.63
CA ALA A 659 -3.13 10.33 7.37
C ALA A 659 -3.75 9.32 6.40
N ASP A 660 -3.41 8.04 6.60
CA ASP A 660 -4.01 6.97 5.81
C ASP A 660 -5.48 6.82 6.16
N ARG A 661 -5.76 6.59 7.44
CA ARG A 661 -7.14 6.49 7.87
C ARG A 661 -7.95 7.74 7.50
N LEU A 662 -7.31 8.92 7.60
CA LEU A 662 -7.94 10.20 7.27
C LEU A 662 -8.38 10.26 5.81
N VAL A 663 -7.41 10.12 4.92
CA VAL A 663 -7.69 10.09 3.49
C VAL A 663 -8.79 9.09 3.16
N LYS A 664 -8.74 7.91 3.79
CA LYS A 664 -9.74 6.89 3.53
C LYS A 664 -11.12 7.31 4.01
N GLU A 665 -11.17 8.06 5.11
CA GLU A 665 -12.45 8.45 5.67
C GLU A 665 -13.09 9.58 4.89
N VAL A 666 -12.28 10.53 4.44
CA VAL A 666 -12.80 11.56 3.55
C VAL A 666 -13.32 10.89 2.28
N GLY A 667 -12.59 9.87 1.84
CA GLY A 667 -13.05 9.05 0.73
C GLY A 667 -14.45 8.49 0.98
N ARG A 668 -14.64 7.89 2.16
CA ARG A 668 -15.91 7.26 2.53
C ARG A 668 -17.08 8.23 2.72
N LEU A 669 -16.81 9.41 3.22
CA LEU A 669 -17.85 10.37 3.46
C LEU A 669 -17.78 11.46 2.42
N GLY A 670 -18.25 12.64 2.77
CA GLY A 670 -18.23 13.77 1.87
C GLY A 670 -16.81 14.09 1.46
N ILE A 671 -16.18 15.06 2.08
CA ILE A 671 -16.77 15.87 3.13
C ILE A 671 -15.96 17.14 3.09
N ARG A 672 -15.93 17.73 1.93
CA ARG A 672 -15.13 18.95 1.71
C ARG A 672 -14.92 19.79 2.96
N HIS A 673 -15.88 20.65 3.26
CA HIS A 673 -15.75 21.57 4.39
C HIS A 673 -16.28 20.99 5.68
N LEU A 674 -15.44 20.22 6.37
CA LEU A 674 -15.74 19.80 7.73
C LEU A 674 -15.47 20.95 8.69
N LYS A 675 -16.36 21.95 8.64
CA LYS A 675 -16.14 23.23 9.30
C LYS A 675 -16.19 23.13 10.82
N GLU A 676 -17.25 22.53 11.35
CA GLU A 676 -17.49 22.53 12.79
C GLU A 676 -16.62 21.54 13.56
N VAL A 677 -15.84 20.74 12.85
CA VAL A 677 -15.03 19.70 13.50
C VAL A 677 -13.64 20.23 13.89
N ASP A 678 -13.36 20.22 15.19
CA ASP A 678 -12.04 20.65 15.69
C ASP A 678 -10.97 19.70 15.17
N ARG A 679 -9.84 20.26 14.72
CA ARG A 679 -8.81 19.44 14.09
C ARG A 679 -7.85 18.84 15.11
N GLU A 680 -8.11 19.10 16.39
CA GLU A 680 -7.43 18.37 17.45
C GLU A 680 -8.17 17.04 17.68
N LYS A 681 -9.35 16.92 17.08
CA LYS A 681 -10.19 15.74 17.26
C LYS A 681 -10.05 14.75 16.10
N LEU A 682 -9.60 13.54 16.43
CA LEU A 682 -9.35 12.52 15.42
C LEU A 682 -10.63 11.74 15.09
N PHE A 683 -11.51 12.37 14.32
CA PHE A 683 -12.82 11.80 13.97
C PHE A 683 -12.76 10.55 13.09
N PHE A 684 -11.59 10.26 12.54
CA PHE A 684 -11.44 9.29 11.46
C PHE A 684 -10.81 7.95 11.85
N VAL A 685 -10.53 7.76 13.13
CA VAL A 685 -9.92 6.51 13.61
C VAL A 685 -10.97 5.43 13.94
#